data_3OQ9
#
_entry.id   3OQ9
#
_cell.length_a   135.204
_cell.length_b   144.447
_cell.length_c   131.574
_cell.angle_alpha   90.000
_cell.angle_beta   90.000
_cell.angle_gamma   90.000
#
_symmetry.space_group_name_H-M   'C 2 2 21'
#
loop_
_entity.id
_entity.type
_entity.pdbx_description
1 polymer 'Tumor necrosis factor receptor superfamily member 6'
2 polymer 'Protein FADD'
#
loop_
_entity_poly.entity_id
_entity_poly.type
_entity_poly.pdbx_seq_one_letter_code
_entity_poly.pdbx_strand_id
1 'polypeptide(L)'
;KYIPRIAEDMTIQEAKKFARENNIKEGKIDEIMHDSIQDTAEQKVQLLLCWYQSHGKSDAYQDLIKGLKKAECRRTLDKF
QDMVQK
;
A,B,C,D,E
2 'polypeptide(L)'
;GEEDLCAAFNVICDNVGKDWRRLARQLKVSDTKIDSIEDRYPRNLTERVRESLRIWKNTEKENATVAHLVGALRSCQMNL
VADLVQEVQQARLEHHHHHH
;
H,I,J,K,L
#
# COMPACT_ATOMS: atom_id res chain seq x y z
N LYS A 1 -6.71 -14.34 -23.92
CA LYS A 1 -6.28 -15.45 -23.00
C LYS A 1 -4.91 -16.03 -23.29
N TYR A 2 -4.41 -15.78 -24.49
CA TYR A 2 -3.07 -16.27 -24.88
C TYR A 2 -1.99 -15.30 -24.32
N ILE A 3 -2.38 -14.02 -24.10
CA ILE A 3 -1.49 -12.99 -23.56
C ILE A 3 -0.74 -13.52 -22.35
N PRO A 4 -1.35 -14.45 -21.57
CA PRO A 4 -0.70 -15.02 -20.39
C PRO A 4 0.28 -16.11 -20.78
N ARG A 5 -0.23 -17.13 -21.45
CA ARG A 5 0.60 -18.23 -21.91
C ARG A 5 1.76 -17.73 -22.79
N ILE A 6 1.60 -16.57 -23.39
CA ILE A 6 2.64 -16.04 -24.28
C ILE A 6 3.80 -15.46 -23.48
N ALA A 7 3.50 -14.55 -22.55
CA ALA A 7 4.51 -13.93 -21.72
C ALA A 7 5.41 -15.04 -21.20
N GLU A 8 4.78 -16.16 -20.89
CA GLU A 8 5.50 -17.31 -20.38
C GLU A 8 6.83 -17.49 -21.08
N ASP A 9 6.81 -17.72 -22.38
CA ASP A 9 8.05 -17.92 -23.13
C ASP A 9 8.83 -16.63 -23.37
N MET A 10 8.18 -15.49 -23.23
CA MET A 10 8.86 -14.23 -23.47
C MET A 10 9.79 -13.77 -22.36
N THR A 11 10.28 -12.54 -22.53
CA THR A 11 11.21 -11.89 -21.60
C THR A 11 10.76 -10.50 -21.25
N ILE A 12 11.10 -10.10 -20.04
CA ILE A 12 10.63 -8.82 -19.51
C ILE A 12 11.11 -7.66 -20.39
N GLN A 13 12.27 -7.80 -21.03
CA GLN A 13 12.82 -6.77 -21.95
C GLN A 13 12.39 -6.75 -23.41
N GLU A 14 12.17 -7.91 -23.99
CA GLU A 14 11.77 -7.98 -25.39
C GLU A 14 10.38 -7.45 -25.41
N ALA A 15 9.56 -8.15 -24.66
CA ALA A 15 8.18 -7.75 -24.53
C ALA A 15 8.22 -6.26 -24.20
N LYS A 16 9.20 -5.85 -23.40
CA LYS A 16 9.35 -4.43 -23.01
C LYS A 16 9.22 -3.60 -24.26
N LYS A 17 10.26 -3.70 -25.10
CA LYS A 17 10.32 -2.99 -26.36
C LYS A 17 9.08 -3.26 -27.18
N PHE A 18 8.53 -4.46 -27.07
CA PHE A 18 7.33 -4.75 -27.82
C PHE A 18 6.26 -3.67 -27.57
N ALA A 19 5.46 -3.85 -26.52
CA ALA A 19 4.38 -2.90 -26.17
C ALA A 19 4.69 -1.42 -26.39
N ARG A 20 5.73 -0.94 -25.70
CA ARG A 20 6.13 0.45 -25.81
C ARG A 20 6.20 0.80 -27.30
N GLU A 21 6.58 -0.19 -28.11
CA GLU A 21 6.70 -0.02 -29.55
C GLU A 21 5.42 -0.44 -30.25
N ASN A 22 4.27 -0.11 -29.67
CA ASN A 22 3.01 -0.47 -30.29
C ASN A 22 1.87 0.45 -29.91
N ASN A 23 2.22 1.70 -29.65
CA ASN A 23 1.23 2.70 -29.28
C ASN A 23 0.57 2.44 -27.96
N ILE A 24 1.33 1.93 -27.00
CA ILE A 24 0.82 1.67 -25.65
C ILE A 24 1.28 2.75 -24.69
N LYS A 25 1.49 3.96 -25.20
CA LYS A 25 1.94 5.10 -24.39
C LYS A 25 3.29 4.74 -23.79
N GLU A 26 4.28 5.61 -23.93
CA GLU A 26 5.59 5.30 -23.34
C GLU A 26 5.54 5.54 -21.83
N GLY A 27 4.73 6.54 -21.42
CA GLY A 27 4.58 6.87 -20.01
C GLY A 27 4.03 5.75 -19.15
N LYS A 28 3.08 5.00 -19.70
CA LYS A 28 2.49 3.87 -19.02
C LYS A 28 3.63 2.85 -18.83
N ILE A 29 4.39 2.52 -19.89
CA ILE A 29 5.44 1.52 -19.70
C ILE A 29 6.47 2.01 -18.69
N ASP A 30 6.72 3.32 -18.61
CA ASP A 30 7.68 3.76 -17.60
C ASP A 30 7.29 3.38 -16.17
N GLU A 31 6.00 3.37 -15.89
CA GLU A 31 5.57 2.98 -14.58
C GLU A 31 5.88 1.50 -14.45
N ILE A 32 5.50 0.75 -15.48
CA ILE A 32 5.66 -0.68 -15.44
C ILE A 32 7.12 -1.12 -15.61
N MET A 33 8.00 -0.18 -15.96
CA MET A 33 9.42 -0.47 -16.12
C MET A 33 10.09 -0.41 -14.73
N HIS A 34 9.87 0.70 -14.01
CA HIS A 34 10.32 0.93 -12.65
C HIS A 34 9.48 0.15 -11.66
N ASP A 35 8.28 -0.23 -12.05
CA ASP A 35 7.40 -0.97 -11.15
C ASP A 35 8.06 -2.31 -10.72
N SER A 36 9.17 -2.68 -11.38
CA SER A 36 9.95 -3.92 -11.14
C SER A 36 11.20 -4.19 -12.09
N ILE A 37 12.24 -3.34 -12.03
CA ILE A 37 13.44 -3.36 -12.85
C ILE A 37 14.04 -4.75 -12.99
N GLN A 38 13.75 -5.60 -11.99
CA GLN A 38 14.21 -7.02 -11.86
C GLN A 38 13.08 -8.03 -11.57
N ASP A 39 12.04 -8.10 -12.43
CA ASP A 39 10.98 -9.04 -12.13
C ASP A 39 10.34 -9.43 -13.43
N THR A 40 10.56 -10.65 -13.85
CA THR A 40 10.01 -11.06 -15.10
C THR A 40 8.92 -12.03 -14.74
N ALA A 41 8.72 -12.17 -13.44
CA ALA A 41 7.70 -13.04 -12.94
C ALA A 41 6.45 -12.75 -13.76
N GLU A 42 5.59 -11.96 -13.18
CA GLU A 42 4.33 -11.59 -13.81
C GLU A 42 4.57 -10.43 -14.75
N GLN A 43 5.59 -9.66 -14.40
CA GLN A 43 5.96 -8.53 -15.19
C GLN A 43 5.78 -8.66 -16.70
N LYS A 44 6.00 -9.86 -17.22
CA LYS A 44 5.85 -10.13 -18.64
C LYS A 44 4.42 -9.87 -19.11
N VAL A 45 3.50 -10.74 -18.69
CA VAL A 45 2.09 -10.60 -19.05
C VAL A 45 1.48 -9.24 -18.71
N GLN A 46 1.96 -8.61 -17.64
CA GLN A 46 1.44 -7.30 -17.29
C GLN A 46 1.64 -6.40 -18.53
N LEU A 47 2.87 -6.26 -19.02
CA LEU A 47 3.11 -5.40 -20.17
C LEU A 47 2.28 -5.86 -21.36
N LEU A 48 2.39 -7.14 -21.68
CA LEU A 48 1.65 -7.73 -22.79
C LEU A 48 0.15 -7.43 -22.67
N LEU A 49 -0.42 -7.72 -21.51
CA LEU A 49 -1.84 -7.49 -21.28
C LEU A 49 -2.19 -6.02 -21.47
N CYS A 50 -1.40 -5.05 -21.02
CA CYS A 50 -1.86 -3.65 -21.20
C CYS A 50 -2.09 -3.30 -22.65
N TRP A 51 -1.21 -3.82 -23.51
CA TRP A 51 -1.35 -3.64 -24.95
C TRP A 51 -2.67 -4.30 -25.32
N TYR A 52 -2.91 -5.52 -24.83
CA TYR A 52 -4.17 -6.20 -25.16
C TYR A 52 -5.31 -5.22 -25.00
N GLN A 53 -5.44 -4.60 -23.84
CA GLN A 53 -6.54 -3.67 -23.69
C GLN A 53 -6.45 -2.55 -24.66
N SER A 54 -5.27 -2.37 -25.23
CA SER A 54 -5.09 -1.32 -26.20
C SER A 54 -5.99 -1.55 -27.44
N HIS A 55 -5.78 -2.64 -28.20
CA HIS A 55 -6.60 -2.94 -29.41
C HIS A 55 -7.86 -3.81 -29.12
N GLY A 56 -7.70 -5.13 -29.13
CA GLY A 56 -8.80 -6.05 -28.86
C GLY A 56 -10.12 -5.69 -29.53
N LYS A 57 -10.26 -6.16 -30.76
CA LYS A 57 -11.44 -5.89 -31.55
C LYS A 57 -11.41 -6.95 -32.63
N SER A 58 -10.61 -6.66 -33.64
CA SER A 58 -10.46 -7.57 -34.77
C SER A 58 -9.01 -7.71 -35.18
N ASP A 59 -8.67 -8.96 -35.52
CA ASP A 59 -7.35 -9.34 -35.96
C ASP A 59 -6.19 -8.88 -35.05
N ALA A 60 -6.42 -8.87 -33.74
CA ALA A 60 -5.42 -8.46 -32.75
C ALA A 60 -4.15 -9.30 -32.75
N TYR A 61 -4.31 -10.60 -33.01
CA TYR A 61 -3.19 -11.56 -33.06
C TYR A 61 -2.19 -11.17 -34.10
N GLN A 62 -2.68 -10.60 -35.20
CA GLN A 62 -1.84 -10.15 -36.29
C GLN A 62 -0.98 -9.02 -35.81
N ASP A 63 -1.60 -8.10 -35.10
CA ASP A 63 -0.85 -6.98 -34.59
C ASP A 63 0.20 -7.47 -33.58
N LEU A 64 -0.10 -8.52 -32.84
CA LEU A 64 0.83 -9.04 -31.84
C LEU A 64 2.03 -9.68 -32.52
N ILE A 65 1.78 -10.38 -33.62
CA ILE A 65 2.85 -11.04 -34.37
C ILE A 65 3.63 -10.05 -35.23
N LYS A 66 2.91 -9.38 -36.15
CA LYS A 66 3.50 -8.38 -37.03
C LYS A 66 4.26 -7.31 -36.25
N GLY A 67 3.60 -6.75 -35.25
CA GLY A 67 4.20 -5.72 -34.44
C GLY A 67 5.39 -6.23 -33.65
N LEU A 68 5.32 -7.48 -33.19
CA LEU A 68 6.38 -8.11 -32.40
C LEU A 68 7.68 -8.18 -33.20
N LYS A 69 7.51 -8.25 -34.52
CA LYS A 69 8.62 -8.34 -35.46
C LYS A 69 9.16 -6.95 -35.80
N LYS A 70 8.25 -5.95 -35.79
CA LYS A 70 8.58 -4.57 -36.11
C LYS A 70 9.20 -3.85 -34.90
N ALA A 71 9.13 -4.47 -33.73
CA ALA A 71 9.63 -3.89 -32.49
C ALA A 71 11.03 -4.40 -32.16
N GLU A 72 11.80 -4.70 -33.22
CA GLU A 72 13.17 -5.23 -33.16
C GLU A 72 13.31 -6.58 -32.39
N CYS A 73 12.28 -7.45 -32.51
CA CYS A 73 12.30 -8.80 -31.93
C CYS A 73 12.53 -9.88 -33.00
N ARG A 74 11.47 -10.25 -33.75
CA ARG A 74 11.55 -11.31 -34.79
C ARG A 74 11.97 -12.60 -34.13
N ARG A 75 11.47 -12.80 -32.92
CA ARG A 75 11.80 -13.96 -32.13
C ARG A 75 10.72 -14.28 -31.09
N THR A 76 10.05 -13.25 -30.56
CA THR A 76 9.02 -13.46 -29.56
C THR A 76 7.74 -13.94 -30.25
N LEU A 77 7.42 -13.35 -31.38
CA LEU A 77 6.27 -13.70 -32.21
C LEU A 77 6.35 -15.14 -32.68
N ASP A 78 7.55 -15.73 -32.66
CA ASP A 78 7.77 -17.13 -33.10
C ASP A 78 7.25 -18.18 -32.12
N LYS A 79 7.54 -18.00 -30.83
CA LYS A 79 7.10 -18.93 -29.79
C LYS A 79 5.57 -18.83 -29.59
N PHE A 80 5.00 -17.63 -29.82
CA PHE A 80 3.52 -17.33 -29.72
C PHE A 80 2.84 -17.89 -30.95
N GLN A 81 3.58 -17.96 -32.05
CA GLN A 81 3.05 -18.46 -33.28
C GLN A 81 2.75 -19.95 -33.02
N ASP A 82 3.59 -20.60 -32.18
CA ASP A 82 3.42 -22.02 -31.82
C ASP A 82 2.22 -22.27 -30.87
N MET A 83 1.87 -21.26 -30.05
CA MET A 83 0.76 -21.33 -29.07
C MET A 83 -0.62 -21.17 -29.69
N VAL A 84 -0.80 -20.14 -30.52
CA VAL A 84 -2.06 -19.93 -31.22
C VAL A 84 -2.18 -21.09 -32.20
N GLN A 85 -1.06 -21.46 -32.85
CA GLN A 85 -0.98 -22.60 -33.80
C GLN A 85 -1.58 -23.78 -33.04
N LYS A 86 -1.04 -24.02 -31.85
CA LYS A 86 -1.50 -25.10 -30.99
C LYS A 86 -2.93 -24.77 -30.61
N LYS B 1 -7.15 21.41 -13.71
CA LYS B 1 -7.78 20.19 -14.27
C LYS B 1 -6.95 19.45 -15.27
N TYR B 2 -5.94 20.10 -15.82
CA TYR B 2 -5.06 19.45 -16.79
C TYR B 2 -3.99 18.63 -16.02
N ILE B 3 -3.69 19.02 -14.77
CA ILE B 3 -2.71 18.36 -13.90
C ILE B 3 -2.93 16.85 -13.94
N PRO B 4 -4.21 16.40 -14.12
CA PRO B 4 -4.51 14.96 -14.18
C PRO B 4 -4.18 14.37 -15.54
N ARG B 5 -4.80 14.93 -16.56
CA ARG B 5 -4.57 14.49 -17.91
C ARG B 5 -3.08 14.59 -18.28
N ILE B 6 -2.33 15.45 -17.61
CA ILE B 6 -0.91 15.62 -17.92
C ILE B 6 -0.08 14.47 -17.37
N ALA B 7 -0.23 14.18 -16.09
CA ALA B 7 0.52 13.10 -15.46
C ALA B 7 0.39 11.88 -16.34
N GLU B 8 -0.79 11.74 -16.92
CA GLU B 8 -1.08 10.63 -17.79
C GLU B 8 0.11 10.30 -18.68
N ASP B 9 0.52 11.25 -19.52
CA ASP B 9 1.65 11.01 -20.40
C ASP B 9 3.01 11.05 -19.71
N MET B 10 3.04 11.63 -18.52
CA MET B 10 4.30 11.73 -17.81
C MET B 10 4.79 10.45 -17.13
N THR B 11 5.87 10.59 -16.36
CA THR B 11 6.51 9.51 -15.62
C THR B 11 6.75 9.88 -14.18
N ILE B 12 6.73 8.87 -13.34
CA ILE B 12 6.82 9.10 -11.90
C ILE B 12 8.13 9.77 -11.54
N GLN B 13 9.18 9.50 -12.31
CA GLN B 13 10.51 10.13 -12.08
C GLN B 13 10.83 11.50 -12.67
N GLU B 14 10.30 11.76 -13.86
CA GLU B 14 10.54 13.03 -14.51
C GLU B 14 9.80 14.02 -13.69
N ALA B 15 8.50 13.79 -13.65
CA ALA B 15 7.64 14.61 -12.87
C ALA B 15 8.31 14.73 -11.49
N LYS B 16 8.91 13.64 -11.04
CA LYS B 16 9.60 13.62 -9.74
C LYS B 16 10.46 14.86 -9.66
N LYS B 17 11.52 14.84 -10.46
CA LYS B 17 12.47 15.93 -10.53
C LYS B 17 11.75 17.24 -10.81
N PHE B 18 10.66 17.18 -11.58
CA PHE B 18 9.92 18.39 -11.85
C PHE B 18 9.58 19.11 -10.53
N ALA B 19 8.45 18.78 -9.93
CA ALA B 19 8.01 19.41 -8.68
C ALA B 19 9.09 19.77 -7.67
N ARG B 20 9.83 18.75 -7.24
CA ARG B 20 10.90 18.95 -6.28
C ARG B 20 11.74 20.11 -6.76
N GLU B 21 11.85 20.24 -8.08
CA GLU B 21 12.64 21.29 -8.71
C GLU B 21 11.76 22.50 -9.03
N ASN B 22 10.84 22.84 -8.15
CA ASN B 22 9.96 23.97 -8.40
C ASN B 22 9.44 24.60 -7.14
N ASN B 23 10.24 24.52 -6.09
CA ASN B 23 9.87 25.09 -4.82
C ASN B 23 8.66 24.45 -4.17
N ILE B 24 8.57 23.13 -4.29
CA ILE B 24 7.49 22.35 -3.68
C ILE B 24 7.99 21.63 -2.44
N LYS B 25 9.01 22.19 -1.78
CA LYS B 25 9.59 21.61 -0.57
C LYS B 25 10.17 20.25 -0.95
N GLU B 26 11.42 19.99 -0.59
CA GLU B 26 11.98 18.68 -0.91
C GLU B 26 11.44 17.64 0.06
N GLY B 27 11.19 18.06 1.31
CA GLY B 27 10.67 17.17 2.34
C GLY B 27 9.31 16.57 2.02
N LYS B 28 8.45 17.37 1.40
CA LYS B 28 7.12 16.91 0.99
C LYS B 28 7.37 15.81 -0.06
N ILE B 29 8.20 16.07 -1.09
CA ILE B 29 8.38 15.04 -2.09
C ILE B 29 8.99 13.79 -1.47
N ASP B 30 9.82 13.91 -0.45
CA ASP B 30 10.35 12.69 0.16
C ASP B 30 9.26 11.74 0.68
N GLU B 31 8.18 12.31 1.17
CA GLU B 31 7.11 11.48 1.65
C GLU B 31 6.51 10.81 0.42
N ILE B 32 6.27 11.62 -0.61
CA ILE B 32 5.64 11.11 -1.80
C ILE B 32 6.57 10.26 -2.65
N MET B 33 7.86 10.23 -2.31
CA MET B 33 8.84 9.42 -3.03
C MET B 33 8.78 7.98 -2.48
N HIS B 34 8.89 7.87 -1.15
CA HIS B 34 8.77 6.63 -0.40
C HIS B 34 7.32 6.18 -0.30
N ASP B 35 6.40 7.11 -0.45
CA ASP B 35 4.98 6.75 -0.34
C ASP B 35 4.60 5.69 -1.40
N SER B 36 5.51 5.43 -2.35
CA SER B 36 5.34 4.44 -3.47
C SER B 36 6.54 4.34 -4.54
N ILE B 37 7.75 3.89 -4.10
CA ILE B 37 8.97 3.78 -4.88
C ILE B 37 8.75 3.17 -6.25
N GLN B 38 7.68 2.36 -6.36
CA GLN B 38 7.23 1.61 -7.56
C GLN B 38 5.73 1.82 -7.92
N ASP B 39 5.30 3.08 -8.13
CA ASP B 39 3.88 3.24 -8.45
C ASP B 39 3.74 4.52 -9.24
N THR B 40 3.44 4.36 -10.50
CA THR B 40 3.34 5.54 -11.31
C THR B 40 1.87 5.68 -11.62
N ALA B 41 1.10 4.78 -11.01
CA ALA B 41 -0.33 4.79 -11.18
C ALA B 41 -0.75 6.25 -10.99
N GLU B 42 -1.23 6.54 -9.81
CA GLU B 42 -1.71 7.87 -9.47
C GLU B 42 -0.53 8.74 -9.08
N GLN B 43 0.48 8.06 -8.57
CA GLN B 43 1.66 8.72 -8.14
C GLN B 43 2.09 9.94 -8.97
N LYS B 44 1.85 9.89 -10.27
CA LYS B 44 2.22 10.97 -11.17
C LYS B 44 1.46 12.25 -10.78
N VAL B 45 0.16 12.26 -11.00
CA VAL B 45 -0.67 13.41 -10.67
C VAL B 45 -0.57 13.88 -9.23
N GLN B 46 -0.33 12.95 -8.31
CA GLN B 46 -0.18 13.34 -6.92
C GLN B 46 0.96 14.39 -6.88
N LEU B 47 2.15 14.04 -7.36
CA LEU B 47 3.25 15.00 -7.31
C LEU B 47 2.89 16.27 -8.05
N LEU B 48 2.44 16.12 -9.29
CA LEU B 48 2.04 17.26 -10.11
C LEU B 48 1.03 18.15 -9.39
N LEU B 49 -0.03 17.53 -8.88
CA LEU B 49 -1.07 18.27 -8.16
C LEU B 49 -0.49 19.01 -6.97
N CYS B 50 0.42 18.45 -6.18
CA CYS B 50 0.89 19.23 -5.02
C CYS B 50 1.51 20.56 -5.40
N TRP B 51 2.25 20.53 -6.51
CA TRP B 51 2.84 21.75 -7.03
C TRP B 51 1.67 22.65 -7.39
N TYR B 52 0.64 22.11 -8.06
CA TYR B 52 -0.50 22.96 -8.43
C TYR B 52 -0.90 23.77 -7.22
N GLN B 53 -1.16 23.14 -6.11
CA GLN B 53 -1.56 23.92 -4.95
C GLN B 53 -0.50 24.89 -4.55
N SER B 54 0.69 24.66 -5.05
CA SER B 54 1.78 25.56 -4.74
C SER B 54 1.50 26.98 -5.30
N HIS B 55 1.41 27.13 -6.63
CA HIS B 55 1.15 28.45 -7.24
C HIS B 55 -0.36 28.78 -7.46
N GLY B 56 -0.92 28.34 -8.57
CA GLY B 56 -2.33 28.57 -8.88
C GLY B 56 -2.84 29.96 -8.55
N LYS B 57 -2.69 30.85 -9.50
CA LYS B 57 -3.10 32.23 -9.35
C LYS B 57 -3.18 32.74 -10.77
N SER B 58 -2.01 33.11 -11.28
CA SER B 58 -1.90 33.63 -12.62
C SER B 58 -0.72 33.03 -13.37
N ASP B 59 -0.99 32.75 -14.65
CA ASP B 59 -0.01 32.19 -15.57
C ASP B 59 0.72 30.92 -15.06
N ALA B 60 0.00 30.08 -14.31
CA ALA B 60 0.54 28.84 -13.75
C ALA B 60 1.06 27.85 -14.81
N TYR B 61 0.38 27.82 -15.95
CA TYR B 61 0.73 26.93 -17.07
C TYR B 61 2.12 27.20 -17.57
N GLN B 62 2.49 28.47 -17.53
CA GLN B 62 3.81 28.90 -17.96
C GLN B 62 4.84 28.31 -17.04
N ASP B 63 4.57 28.39 -15.75
CA ASP B 63 5.50 27.85 -14.79
C ASP B 63 5.60 26.34 -14.97
N LEU B 64 4.50 25.69 -15.34
CA LEU B 64 4.51 24.24 -15.53
C LEU B 64 5.37 23.87 -16.74
N ILE B 65 5.27 24.67 -17.80
CA ILE B 65 6.04 24.43 -19.01
C ILE B 65 7.50 24.86 -18.86
N LYS B 66 7.70 26.15 -18.59
CA LYS B 66 9.03 26.71 -18.40
C LYS B 66 9.82 25.94 -17.36
N GLY B 67 9.20 25.74 -16.20
CA GLY B 67 9.84 25.03 -15.12
C GLY B 67 10.14 23.59 -15.47
N LEU B 68 9.24 22.96 -16.22
CA LEU B 68 9.39 21.57 -16.63
C LEU B 68 10.65 21.37 -17.47
N LYS B 69 11.02 22.44 -18.16
CA LYS B 69 12.20 22.46 -19.02
C LYS B 69 13.48 22.74 -18.21
N LYS B 70 13.32 23.53 -17.15
CA LYS B 70 14.42 23.94 -16.27
C LYS B 70 14.75 22.84 -15.24
N ALA B 71 13.88 21.84 -15.15
CA ALA B 71 14.05 20.75 -14.18
C ALA B 71 14.69 19.52 -14.82
N GLU B 72 15.55 19.78 -15.82
CA GLU B 72 16.26 18.78 -16.62
C GLU B 72 15.34 17.75 -17.36
N CYS B 73 14.17 18.24 -17.83
CA CYS B 73 13.24 17.44 -18.65
C CYS B 73 13.31 17.83 -20.13
N ARG B 74 12.63 18.93 -20.52
CA ARG B 74 12.57 19.39 -21.93
C ARG B 74 11.93 18.30 -22.78
N ARG B 75 10.95 17.65 -22.18
CA ARG B 75 10.28 16.53 -22.82
C ARG B 75 8.87 16.34 -22.24
N THR B 76 8.68 16.61 -20.95
CA THR B 76 7.37 16.43 -20.31
C THR B 76 6.47 17.60 -20.69
N LEU B 77 7.00 18.81 -20.68
CA LEU B 77 6.31 20.03 -21.06
C LEU B 77 5.83 19.97 -22.49
N ASP B 78 6.40 19.07 -23.31
CA ASP B 78 6.01 18.91 -24.73
C ASP B 78 4.66 18.20 -24.95
N LYS B 79 4.43 17.10 -24.24
CA LYS B 79 3.19 16.33 -24.35
C LYS B 79 2.01 17.13 -23.72
N PHE B 80 2.31 17.97 -22.70
CA PHE B 80 1.32 18.85 -22.00
C PHE B 80 1.04 20.05 -22.88
N GLN B 81 2.03 20.40 -23.70
CA GLN B 81 1.89 21.53 -24.59
C GLN B 81 0.79 21.12 -25.56
N ASP B 82 0.72 19.81 -25.90
CA ASP B 82 -0.30 19.28 -26.82
C ASP B 82 -1.72 19.21 -26.22
N MET B 83 -1.80 19.07 -24.89
CA MET B 83 -3.07 18.98 -24.13
C MET B 83 -3.75 20.33 -23.92
N VAL B 84 -3.00 21.33 -23.46
CA VAL B 84 -3.55 22.68 -23.29
C VAL B 84 -3.84 23.19 -24.70
N GLN B 85 -2.92 22.91 -25.63
CA GLN B 85 -3.06 23.28 -27.06
C GLN B 85 -4.44 22.77 -27.47
N LYS B 86 -4.65 21.48 -27.21
CA LYS B 86 -5.90 20.82 -27.53
C LYS B 86 -6.98 21.48 -26.66
N LYS C 1 20.36 22.30 -1.39
CA LYS C 1 19.46 22.40 -2.59
C LYS C 1 20.14 22.19 -3.91
N TYR C 2 21.47 22.32 -3.92
CA TYR C 2 22.23 22.11 -5.17
C TYR C 2 22.47 20.60 -5.36
N ILE C 3 22.45 19.81 -4.26
CA ILE C 3 22.63 18.37 -4.26
C ILE C 3 21.78 17.74 -5.36
N PRO C 4 20.60 18.34 -5.67
CA PRO C 4 19.71 17.81 -6.70
C PRO C 4 20.17 18.21 -8.09
N ARG C 5 20.28 19.50 -8.32
CA ARG C 5 20.73 20.01 -9.57
C ARG C 5 22.13 19.46 -9.93
N ILE C 6 22.89 19.05 -8.94
CA ILE C 6 24.24 18.54 -9.20
C ILE C 6 24.20 17.12 -9.77
N ALA C 7 23.50 16.23 -9.07
CA ALA C 7 23.38 14.85 -9.53
C ALA C 7 23.03 14.86 -10.99
N GLU C 8 22.20 15.82 -11.35
CA GLU C 8 21.76 15.97 -12.71
C GLU C 8 22.89 15.70 -13.69
N ASP C 9 23.94 16.51 -13.63
CA ASP C 9 25.06 16.32 -14.55
C ASP C 9 25.95 15.14 -14.19
N MET C 10 25.84 14.64 -12.97
CA MET C 10 26.67 13.51 -12.56
C MET C 10 26.23 12.16 -13.09
N THR C 11 26.92 11.11 -12.58
CA THR C 11 26.69 9.72 -12.96
C THR C 11 26.56 8.85 -11.73
N ILE C 12 25.76 7.80 -11.89
CA ILE C 12 25.45 6.94 -10.76
C ILE C 12 26.72 6.31 -10.19
N GLN C 13 27.73 6.08 -11.03
CA GLN C 13 29.02 5.50 -10.59
C GLN C 13 30.11 6.43 -10.03
N GLU C 14 30.22 7.62 -10.57
CA GLU C 14 31.23 8.56 -10.13
C GLU C 14 30.79 8.96 -8.77
N ALA C 15 29.61 9.53 -8.76
CA ALA C 15 29.00 9.94 -7.53
C ALA C 15 29.14 8.74 -6.59
N LYS C 16 28.97 7.53 -7.14
CA LYS C 16 29.08 6.30 -6.34
C LYS C 16 30.32 6.40 -5.50
N LYS C 17 31.46 6.31 -6.19
CA LYS C 17 32.76 6.38 -5.56
C LYS C 17 32.87 7.64 -4.72
N PHE C 18 32.23 8.72 -5.16
CA PHE C 18 32.27 9.93 -4.38
C PHE C 18 31.88 9.65 -2.92
N ALA C 19 30.59 9.72 -2.62
CA ALA C 19 30.07 9.49 -1.25
C ALA C 19 30.78 8.40 -0.44
N ARG C 20 30.77 7.18 -0.96
CA ARG C 20 31.40 6.06 -0.29
C ARG C 20 32.81 6.50 0.11
N GLU C 21 33.40 7.36 -0.71
CA GLU C 21 34.75 7.87 -0.46
C GLU C 21 34.69 9.20 0.30
N ASN C 22 33.79 9.33 1.25
CA ASN C 22 33.68 10.56 2.01
C ASN C 22 33.10 10.37 3.39
N ASN C 23 33.36 9.19 3.95
CA ASN C 23 32.87 8.87 5.27
C ASN C 23 31.37 8.78 5.38
N ILE C 24 30.73 8.24 4.35
CA ILE C 24 29.29 8.04 4.34
C ILE C 24 28.93 6.60 4.59
N LYS C 25 29.79 5.89 5.33
CA LYS C 25 29.58 4.49 5.67
C LYS C 25 29.56 3.71 4.37
N GLU C 26 30.33 2.63 4.26
CA GLU C 26 30.30 1.85 3.03
C GLU C 26 29.03 1.00 3.00
N GLY C 27 28.60 0.54 4.18
CA GLY C 27 27.40 -0.28 4.31
C GLY C 27 26.12 0.37 3.81
N LYS C 28 25.99 1.68 4.06
CA LYS C 28 24.84 2.44 3.62
C LYS C 28 24.90 2.43 2.08
N ILE C 29 26.07 2.75 1.47
CA ILE C 29 26.08 2.77 0.01
C ILE C 29 25.79 1.39 -0.55
N ASP C 30 26.17 0.31 0.15
CA ASP C 30 25.82 -1.01 -0.40
C ASP C 30 24.33 -1.22 -0.60
N GLU C 31 23.54 -0.63 0.28
CA GLU C 31 22.12 -0.76 0.13
C GLU C 31 21.74 0.02 -1.11
N ILE C 32 22.27 1.24 -1.19
CA ILE C 32 21.93 2.12 -2.29
C ILE C 32 22.59 1.69 -3.60
N MET C 33 23.51 0.73 -3.56
CA MET C 33 24.14 0.24 -4.77
C MET C 33 23.23 -0.82 -5.40
N HIS C 34 22.87 -1.81 -4.59
CA HIS C 34 21.95 -2.86 -4.96
C HIS C 34 20.53 -2.34 -5.06
N ASP C 35 20.26 -1.25 -4.36
CA ASP C 35 18.89 -0.69 -4.38
C ASP C 35 18.47 -0.36 -5.82
N SER C 36 19.42 -0.39 -6.77
CA SER C 36 19.21 -0.08 -8.22
C SER C 36 20.49 -0.12 -9.16
N ILE C 37 21.11 -1.30 -9.34
CA ILE C 37 22.33 -1.55 -10.09
C ILE C 37 22.34 -0.85 -11.44
N GLN C 38 21.14 -0.59 -11.96
CA GLN C 38 20.85 0.05 -13.27
C GLN C 38 19.85 1.22 -13.18
N ASP C 39 20.13 2.26 -12.37
CA ASP C 39 19.16 3.35 -12.29
C ASP C 39 19.91 4.60 -11.89
N THR C 40 20.04 5.50 -12.82
CA THR C 40 20.78 6.68 -12.51
C THR C 40 19.75 7.78 -12.44
N ALA C 41 18.49 7.36 -12.58
CA ALA C 41 17.40 8.29 -12.52
C ALA C 41 17.65 9.16 -11.29
N GLU C 42 16.99 8.80 -10.23
CA GLU C 42 17.09 9.54 -8.98
C GLU C 42 18.31 9.06 -8.22
N GLN C 43 18.65 7.82 -8.48
CA GLN C 43 19.78 7.22 -7.86
C GLN C 43 20.98 8.13 -7.59
N LYS C 44 21.20 9.08 -8.48
CA LYS C 44 22.31 10.02 -8.35
C LYS C 44 22.17 10.86 -7.08
N VAL C 45 21.16 11.74 -7.06
CA VAL C 45 20.91 12.58 -5.91
C VAL C 45 20.72 11.83 -4.59
N GLN C 46 20.15 10.63 -4.68
CA GLN C 46 19.98 9.84 -3.46
C GLN C 46 21.37 9.71 -2.82
N LEU C 47 22.35 9.18 -3.53
CA LEU C 47 23.68 9.01 -2.94
C LEU C 47 24.22 10.35 -2.47
N LEU C 48 24.22 11.33 -3.37
CA LEU C 48 24.70 12.66 -3.06
C LEU C 48 24.04 13.23 -1.81
N LEU C 49 22.71 13.17 -1.78
CA LEU C 49 21.96 13.68 -0.63
C LEU C 49 22.35 12.96 0.65
N CYS C 50 22.57 11.66 0.66
CA CYS C 50 22.90 11.03 1.96
C CYS C 50 24.15 11.61 2.59
N TRP C 51 25.13 11.90 1.73
CA TRP C 51 26.35 12.54 2.17
C TRP C 51 25.93 13.90 2.73
N TYR C 52 25.09 14.63 2.01
CA TYR C 52 24.66 15.94 2.50
C TYR C 52 24.29 15.81 3.97
N GLN C 53 23.39 14.90 4.31
CA GLN C 53 23.03 14.80 5.70
C GLN C 53 24.20 14.44 6.55
N SER C 54 25.25 13.96 5.90
CA SER C 54 26.44 13.60 6.63
C SER C 54 27.06 14.85 7.31
N HIS C 55 27.52 15.84 6.54
CA HIS C 55 28.13 17.07 7.10
C HIS C 55 27.12 18.22 7.37
N GLY C 56 26.85 19.04 6.35
CA GLY C 56 25.90 20.14 6.49
C GLY C 56 26.00 20.94 7.78
N LYS C 57 26.88 21.94 7.76
CA LYS C 57 27.14 22.78 8.90
C LYS C 57 27.80 24.00 8.32
N SER C 58 29.10 23.87 8.09
CA SER C 58 29.89 24.94 7.55
C SER C 58 30.83 24.45 6.46
N ASP C 59 30.93 25.28 5.42
CA ASP C 59 31.79 25.02 4.28
C ASP C 59 31.62 23.63 3.63
N ALA C 60 30.39 23.12 3.60
CA ALA C 60 30.07 21.82 3.02
C ALA C 60 30.41 21.71 1.52
N TYR C 61 30.23 22.81 0.79
CA TYR C 61 30.49 22.87 -0.65
C TYR C 61 31.93 22.56 -0.95
N GLN C 62 32.80 22.97 -0.05
CA GLN C 62 34.24 22.73 -0.19
C GLN C 62 34.49 21.25 -0.12
N ASP C 63 33.85 20.62 0.86
CA ASP C 63 34.02 19.19 1.01
C ASP C 63 33.47 18.47 -0.22
N LEU C 64 32.42 18.99 -0.84
CA LEU C 64 31.82 18.37 -2.01
C LEU C 64 32.76 18.47 -3.19
N ILE C 65 33.42 19.62 -3.32
CA ILE C 65 34.35 19.85 -4.42
C ILE C 65 35.68 19.16 -4.18
N LYS C 66 36.35 19.53 -3.08
CA LYS C 66 37.63 18.95 -2.70
C LYS C 66 37.56 17.44 -2.64
N GLY C 67 36.57 16.93 -1.92
CA GLY C 67 36.38 15.50 -1.79
C GLY C 67 36.09 14.81 -3.11
N LEU C 68 35.33 15.48 -3.97
CA LEU C 68 34.95 14.96 -5.27
C LEU C 68 36.18 14.69 -6.13
N LYS C 69 37.22 15.46 -5.88
CA LYS C 69 38.48 15.37 -6.59
C LYS C 69 39.38 14.28 -5.98
N LYS C 70 39.25 14.09 -4.66
CA LYS C 70 40.02 13.10 -3.91
C LYS C 70 39.43 11.69 -4.04
N ALA C 71 38.22 11.60 -4.59
CA ALA C 71 37.53 10.32 -4.75
C ALA C 71 37.71 9.75 -6.15
N GLU C 72 38.87 10.04 -6.74
CA GLU C 72 39.27 9.64 -8.10
C GLU C 72 38.32 10.11 -9.23
N CYS C 73 37.74 11.33 -9.06
CA CYS C 73 36.90 11.97 -10.09
C CYS C 73 37.65 13.10 -10.81
N ARG C 74 37.73 14.29 -10.19
CA ARG C 74 38.38 15.47 -10.81
C ARG C 74 37.66 15.82 -12.10
N ARG C 75 36.34 15.65 -12.06
CA ARG C 75 35.49 15.87 -13.21
C ARG C 75 34.05 16.19 -12.81
N THR C 76 33.58 15.60 -11.70
CA THR C 76 32.21 15.83 -11.24
C THR C 76 32.13 17.19 -10.55
N LEU C 77 33.12 17.50 -9.74
CA LEU C 77 33.26 18.77 -9.03
C LEU C 77 33.32 19.94 -9.98
N ASP C 78 33.66 19.67 -11.26
CA ASP C 78 33.76 20.73 -12.30
C ASP C 78 32.41 21.26 -12.79
N LYS C 79 31.47 20.36 -13.08
CA LYS C 79 30.14 20.74 -13.55
C LYS C 79 29.34 21.41 -12.40
N PHE C 80 29.61 21.00 -11.14
CA PHE C 80 28.96 21.57 -9.91
C PHE C 80 29.59 22.92 -9.60
N GLN C 81 30.83 23.08 -10.02
CA GLN C 81 31.56 24.32 -9.79
C GLN C 81 30.81 25.36 -10.63
N ASP C 82 30.27 24.94 -11.78
CA ASP C 82 29.49 25.84 -12.68
C ASP C 82 28.10 26.21 -12.14
N MET C 83 27.51 25.32 -11.33
CA MET C 83 26.17 25.50 -10.73
C MET C 83 26.16 26.44 -9.53
N VAL C 84 27.07 26.23 -8.59
CA VAL C 84 27.18 27.12 -7.44
C VAL C 84 27.67 28.45 -7.99
N GLN C 85 28.63 28.40 -8.94
CA GLN C 85 29.17 29.59 -9.63
C GLN C 85 27.95 30.37 -10.10
N LYS C 86 27.09 29.66 -10.83
CA LYS C 86 25.87 30.24 -11.37
C LYS C 86 25.00 30.61 -10.19
N LYS D 1 18.72 -6.22 21.04
CA LYS D 1 18.83 -4.73 20.80
C LYS D 1 19.93 -4.33 19.87
N TYR D 2 20.89 -5.20 19.66
CA TYR D 2 22.01 -4.92 18.74
C TYR D 2 21.57 -5.18 17.29
N ILE D 3 20.57 -6.08 17.10
CA ILE D 3 20.01 -6.44 15.81
C ILE D 3 19.74 -5.17 14.99
N PRO D 4 19.39 -4.05 15.65
CA PRO D 4 19.12 -2.79 14.96
C PRO D 4 20.41 -2.08 14.56
N ARG D 5 21.23 -1.79 15.56
CA ARG D 5 22.49 -1.13 15.34
C ARG D 5 23.37 -1.93 14.37
N ILE D 6 23.13 -3.23 14.27
CA ILE D 6 23.96 -4.07 13.39
C ILE D 6 23.57 -3.88 11.92
N ALA D 7 22.28 -4.04 11.61
CA ALA D 7 21.80 -3.88 10.26
C ALA D 7 22.38 -2.60 9.71
N GLU D 8 22.48 -1.61 10.58
CA GLU D 8 23.01 -0.31 10.22
C GLU D 8 24.21 -0.46 9.28
N ASP D 9 25.26 -1.11 9.74
CA ASP D 9 26.45 -1.28 8.91
C ASP D 9 26.28 -2.34 7.82
N MET D 10 25.29 -3.19 7.97
CA MET D 10 25.09 -4.24 6.99
C MET D 10 24.44 -3.80 5.68
N THR D 11 24.13 -4.80 4.84
CA THR D 11 23.52 -4.60 3.53
C THR D 11 22.33 -5.50 3.35
N ILE D 12 21.39 -5.02 2.55
CA ILE D 12 20.13 -5.73 2.38
C ILE D 12 20.37 -7.12 1.79
N GLN D 13 21.40 -7.27 0.96
CA GLN D 13 21.75 -8.59 0.36
C GLN D 13 22.63 -9.57 1.13
N GLU D 14 23.57 -9.07 1.89
CA GLU D 14 24.45 -9.94 2.66
C GLU D 14 23.59 -10.51 3.73
N ALA D 15 23.06 -9.60 4.52
CA ALA D 15 22.15 -9.97 5.55
C ALA D 15 21.14 -10.91 4.90
N LYS D 16 20.76 -10.62 3.65
CA LYS D 16 19.79 -11.44 2.90
C LYS D 16 20.21 -12.88 3.07
N LYS D 17 21.33 -13.21 2.42
CA LYS D 17 21.88 -14.55 2.45
C LYS D 17 22.09 -15.01 3.89
N PHE D 18 22.41 -14.08 4.78
CA PHE D 18 22.59 -14.45 6.15
C PHE D 18 21.37 -15.25 6.65
N ALA D 19 20.37 -14.55 7.16
CA ALA D 19 19.14 -15.19 7.67
C ALA D 19 18.65 -16.42 6.92
N ARG D 20 18.34 -16.24 5.64
CA ARG D 20 17.86 -17.33 4.82
C ARG D 20 18.78 -18.53 5.04
N GLU D 21 20.06 -18.23 5.28
CA GLU D 21 21.08 -19.24 5.49
C GLU D 21 21.25 -19.52 6.99
N ASN D 22 20.16 -19.53 7.74
CA ASN D 22 20.24 -19.79 9.16
C ASN D 22 18.98 -20.39 9.75
N ASN D 23 18.29 -21.15 8.92
CA ASN D 23 17.07 -21.80 9.34
C ASN D 23 15.94 -20.83 9.69
N ILE D 24 15.83 -19.76 8.93
CA ILE D 24 14.76 -18.77 9.10
C ILE D 24 13.69 -18.94 8.05
N LYS D 25 13.53 -20.16 7.55
CA LYS D 25 12.52 -20.49 6.53
C LYS D 25 12.86 -19.68 5.28
N GLU D 26 12.93 -20.33 4.13
CA GLU D 26 13.23 -19.58 2.91
C GLU D 26 11.99 -18.82 2.46
N GLY D 27 10.81 -19.41 2.70
CA GLY D 27 9.54 -18.80 2.33
C GLY D 27 9.26 -17.45 2.99
N LYS D 28 9.65 -17.34 4.26
CA LYS D 28 9.49 -16.11 5.00
C LYS D 28 10.39 -15.08 4.28
N ILE D 29 11.68 -15.40 4.03
CA ILE D 29 12.52 -14.39 3.39
C ILE D 29 11.97 -14.02 2.02
N ASP D 30 11.33 -14.94 1.31
CA ASP D 30 10.77 -14.56 0.01
C ASP D 30 9.76 -13.41 0.11
N GLU D 31 9.01 -13.37 1.19
CA GLU D 31 8.07 -12.30 1.35
C GLU D 31 8.90 -11.03 1.57
N ILE D 32 9.88 -11.14 2.46
CA ILE D 32 10.69 -9.99 2.80
C ILE D 32 11.68 -9.60 1.70
N MET D 33 11.81 -10.44 0.68
CA MET D 33 12.70 -10.16 -0.45
C MET D 33 11.95 -9.25 -1.44
N HIS D 34 10.75 -9.68 -1.84
CA HIS D 34 9.83 -8.94 -2.70
C HIS D 34 9.16 -7.81 -1.94
N ASP D 35 9.12 -7.92 -0.62
CA ASP D 35 8.47 -6.87 0.18
C ASP D 35 9.15 -5.51 -0.05
N SER D 36 10.32 -5.51 -0.74
CA SER D 36 11.13 -4.30 -1.06
C SER D 36 12.52 -4.54 -1.81
N ILE D 37 12.47 -5.06 -3.07
CA ILE D 37 13.60 -5.43 -3.91
C ILE D 37 14.70 -4.38 -3.91
N GLN D 38 14.30 -3.12 -3.61
CA GLN D 38 15.15 -1.91 -3.57
C GLN D 38 14.98 -1.07 -2.27
N ASP D 39 15.21 -1.68 -1.09
CA ASP D 39 15.03 -0.87 0.11
C ASP D 39 15.90 -1.46 1.19
N THR D 40 16.94 -0.76 1.53
CA THR D 40 17.82 -1.30 2.50
C THR D 40 17.60 -0.45 3.74
N ALA D 41 16.63 0.45 3.62
CA ALA D 41 16.31 1.33 4.70
C ALA D 41 16.21 0.44 5.93
N GLU D 42 14.99 0.09 6.27
CA GLU D 42 14.70 -0.73 7.43
C GLU D 42 14.88 -2.18 7.06
N GLN D 43 14.66 -2.44 5.79
CA GLN D 43 14.79 -3.77 5.27
C GLN D 43 15.89 -4.63 5.88
N LYS D 44 16.99 -4.01 6.25
CA LYS D 44 18.12 -4.72 6.87
C LYS D 44 17.70 -5.38 8.19
N VAL D 45 17.42 -4.55 9.19
CA VAL D 45 17.00 -5.04 10.51
C VAL D 45 15.78 -5.94 10.48
N GLN D 46 14.87 -5.70 9.53
CA GLN D 46 13.70 -6.56 9.44
C GLN D 46 14.23 -8.00 9.27
N LEU D 47 15.04 -8.26 8.26
CA LEU D 47 15.52 -9.62 8.06
C LEU D 47 16.26 -10.11 9.30
N LEU D 48 17.23 -9.31 9.74
CA LEU D 48 18.03 -9.65 10.91
C LEU D 48 17.13 -9.97 12.11
N LEU D 49 16.19 -9.08 12.41
CA LEU D 49 15.29 -9.27 13.53
C LEU D 49 14.49 -10.55 13.38
N CYS D 50 13.99 -10.93 12.20
CA CYS D 50 13.20 -12.18 12.16
C CYS D 50 13.97 -13.39 12.64
N TRP D 51 15.24 -13.43 12.28
CA TRP D 51 16.12 -14.49 12.73
C TRP D 51 16.18 -14.36 14.24
N TYR D 52 16.37 -13.14 14.76
CA TYR D 52 16.42 -12.98 16.21
C TYR D 52 15.28 -13.78 16.84
N GLN D 53 14.06 -13.53 16.42
CA GLN D 53 12.98 -14.27 17.02
C GLN D 53 13.12 -15.74 16.81
N SER D 54 13.97 -16.10 15.86
CA SER D 54 14.19 -17.50 15.59
C SER D 54 14.83 -18.19 16.80
N HIS D 55 16.04 -17.81 17.22
CA HIS D 55 16.72 -18.42 18.39
C HIS D 55 16.44 -17.72 19.74
N GLY D 56 17.22 -16.69 20.08
CA GLY D 56 17.03 -15.93 21.31
C GLY D 56 16.75 -16.78 22.55
N LYS D 57 17.83 -17.21 23.17
CA LYS D 57 17.76 -18.05 24.34
C LYS D 57 19.11 -17.90 24.99
N SER D 58 20.04 -18.67 24.46
CA SER D 58 21.40 -18.67 24.95
C SER D 58 22.41 -18.64 23.82
N ASP D 59 23.45 -17.85 24.06
CA ASP D 59 24.57 -17.69 23.14
C ASP D 59 24.17 -17.34 21.69
N ALA D 60 23.09 -16.56 21.53
CA ALA D 60 22.59 -16.14 20.23
C ALA D 60 23.60 -15.35 19.39
N TYR D 61 24.42 -14.54 20.06
CA TYR D 61 25.44 -13.70 19.42
C TYR D 61 26.43 -14.54 18.66
N GLN D 62 26.72 -15.70 19.22
CA GLN D 62 27.63 -16.65 18.59
C GLN D 62 27.06 -17.11 17.28
N ASP D 63 25.78 -17.45 17.31
CA ASP D 63 25.15 -17.92 16.10
C ASP D 63 25.13 -16.79 15.08
N LEU D 64 24.99 -15.54 15.52
CA LEU D 64 24.95 -14.41 14.61
C LEU D 64 26.31 -14.23 13.94
N ILE D 65 27.37 -14.39 14.71
CA ILE D 65 28.73 -14.24 14.21
C ILE D 65 29.17 -15.46 13.39
N LYS D 66 29.18 -16.62 14.03
CA LYS D 66 29.56 -17.88 13.40
C LYS D 66 28.75 -18.12 12.13
N GLY D 67 27.43 -18.01 12.25
CA GLY D 67 26.56 -18.21 11.12
C GLY D 67 26.77 -17.19 10.01
N LEU D 68 27.06 -15.95 10.40
CA LEU D 68 27.28 -14.87 9.45
C LEU D 68 28.47 -15.16 8.55
N LYS D 69 29.39 -15.95 9.09
CA LYS D 69 30.61 -16.34 8.39
C LYS D 69 30.34 -17.56 7.49
N LYS D 70 29.43 -18.43 7.94
CA LYS D 70 29.06 -19.65 7.23
C LYS D 70 28.07 -19.39 6.09
N ALA D 71 27.52 -18.17 6.07
CA ALA D 71 26.53 -17.78 5.06
C ALA D 71 27.17 -17.03 3.90
N GLU D 72 28.42 -17.36 3.61
CA GLU D 72 29.27 -16.76 2.56
C GLU D 72 29.48 -15.23 2.71
N CYS D 73 29.58 -14.75 3.97
CA CYS D 73 29.89 -13.34 4.28
C CYS D 73 31.33 -13.17 4.75
N ARG D 74 31.60 -13.46 6.03
CA ARG D 74 32.96 -13.29 6.62
C ARG D 74 33.36 -11.83 6.53
N ARG D 75 32.36 -10.98 6.72
CA ARG D 75 32.54 -9.54 6.61
C ARG D 75 31.49 -8.77 7.42
N THR D 76 30.27 -9.30 7.49
CA THR D 76 29.20 -8.64 8.23
C THR D 76 29.41 -8.85 9.72
N LEU D 77 29.77 -10.06 10.12
CA LEU D 77 30.06 -10.45 11.49
C LEU D 77 31.20 -9.62 12.06
N ASP D 78 32.02 -9.01 11.19
CA ASP D 78 33.17 -8.18 11.61
C ASP D 78 32.80 -6.81 12.19
N LYS D 79 31.90 -6.10 11.51
CA LYS D 79 31.44 -4.78 11.95
C LYS D 79 30.57 -4.91 13.23
N PHE D 80 29.86 -6.05 13.38
CA PHE D 80 28.99 -6.39 14.55
C PHE D 80 29.87 -6.80 15.70
N GLN D 81 31.03 -7.35 15.36
CA GLN D 81 31.98 -7.80 16.35
C GLN D 81 32.44 -6.52 17.07
N ASP D 82 32.53 -5.41 16.32
CA ASP D 82 32.94 -4.10 16.89
C ASP D 82 31.86 -3.45 17.79
N MET D 83 30.59 -3.74 17.51
CA MET D 83 29.43 -3.20 18.26
C MET D 83 29.20 -3.88 19.62
N VAL D 84 29.19 -5.21 19.63
CA VAL D 84 29.03 -5.96 20.89
C VAL D 84 30.31 -5.69 21.67
N GLN D 85 31.46 -5.69 20.97
CA GLN D 85 32.78 -5.41 21.57
C GLN D 85 32.59 -4.10 22.32
N LYS D 86 32.09 -3.09 21.60
CA LYS D 86 31.83 -1.78 22.16
C LYS D 86 30.76 -1.95 23.21
N LYS E 1 -8.93 -27.85 3.80
CA LYS E 1 -8.13 -27.56 5.03
C LYS E 1 -6.64 -27.54 4.82
N TYR E 2 -6.18 -28.13 3.72
CA TYR E 2 -4.74 -28.14 3.42
C TYR E 2 -4.34 -26.80 2.76
N ILE E 3 -5.31 -26.12 2.11
CA ILE E 3 -5.12 -24.83 1.45
C ILE E 3 -4.34 -23.88 2.38
N PRO E 4 -4.52 -24.02 3.72
CA PRO E 4 -3.81 -23.16 4.69
C PRO E 4 -2.38 -23.63 4.90
N ARG E 5 -2.25 -24.86 5.33
CA ARG E 5 -0.95 -25.45 5.56
C ARG E 5 -0.08 -25.41 4.28
N ILE E 6 -0.71 -25.34 3.11
CA ILE E 6 0.03 -25.33 1.86
C ILE E 6 0.67 -23.95 1.60
N ALA E 7 -0.14 -22.90 1.67
CA ALA E 7 0.34 -21.55 1.44
C ALA E 7 1.59 -21.37 2.28
N GLU E 8 1.56 -21.96 3.46
CA GLU E 8 2.67 -21.87 4.38
C GLU E 8 3.99 -21.98 3.65
N ASP E 9 4.22 -23.09 2.98
CA ASP E 9 5.48 -23.27 2.25
C ASP E 9 5.56 -22.49 0.95
N MET E 10 4.43 -22.04 0.46
CA MET E 10 4.43 -21.31 -0.79
C MET E 10 4.89 -19.86 -0.70
N THR E 11 4.74 -19.15 -1.82
CA THR E 11 5.11 -17.75 -1.97
C THR E 11 4.00 -16.95 -2.58
N ILE E 12 3.97 -15.68 -2.21
CA ILE E 12 2.87 -14.81 -2.63
C ILE E 12 2.82 -14.69 -4.15
N GLN E 13 3.97 -14.78 -4.82
CA GLN E 13 4.05 -14.71 -6.30
C GLN E 13 3.83 -15.97 -7.12
N GLU E 14 4.28 -17.10 -6.61
CA GLU E 14 4.14 -18.36 -7.32
C GLU E 14 2.68 -18.65 -7.28
N ALA E 15 2.22 -18.78 -6.06
CA ALA E 15 0.83 -19.01 -5.82
C ALA E 15 0.10 -17.98 -6.69
N LYS E 16 0.66 -16.76 -6.75
CA LYS E 16 0.05 -15.67 -7.55
C LYS E 16 -0.32 -16.24 -8.90
N LYS E 17 0.73 -16.54 -9.68
CA LYS E 17 0.58 -17.09 -11.01
C LYS E 17 -0.28 -18.34 -10.97
N PHE E 18 -0.18 -19.11 -9.89
CA PHE E 18 -0.99 -20.30 -9.80
C PHE E 18 -2.46 -19.97 -10.06
N ALA E 19 -3.20 -19.60 -9.02
CA ALA E 19 -4.63 -19.27 -9.14
C ALA E 19 -5.06 -18.53 -10.41
N ARG E 20 -4.48 -17.35 -10.62
CA ARG E 20 -4.80 -16.56 -11.80
C ARG E 20 -4.73 -17.48 -13.01
N GLU E 21 -3.82 -18.45 -12.94
CA GLU E 21 -3.62 -19.40 -14.03
C GLU E 21 -4.46 -20.66 -13.78
N ASN E 22 -5.68 -20.50 -13.29
CA ASN E 22 -6.53 -21.65 -13.04
C ASN E 22 -8.00 -21.34 -13.09
N ASN E 23 -8.33 -20.36 -13.92
CA ASN E 23 -9.71 -19.95 -14.08
C ASN E 23 -10.34 -19.36 -12.83
N ILE E 24 -9.55 -18.57 -12.09
CA ILE E 24 -10.02 -17.89 -10.89
C ILE E 24 -10.26 -16.42 -11.16
N LYS E 25 -10.59 -16.10 -12.42
CA LYS E 25 -10.86 -14.72 -12.84
C LYS E 25 -9.59 -13.91 -12.63
N GLU E 26 -9.13 -13.18 -13.64
CA GLU E 26 -7.92 -12.39 -13.44
C GLU E 26 -8.27 -11.14 -12.63
N GLY E 27 -9.48 -10.62 -12.81
CA GLY E 27 -9.95 -9.43 -12.10
C GLY E 27 -9.98 -9.58 -10.59
N LYS E 28 -10.36 -10.76 -10.13
CA LYS E 28 -10.42 -11.07 -8.71
C LYS E 28 -8.96 -10.99 -8.22
N ILE E 29 -8.02 -11.67 -8.90
CA ILE E 29 -6.65 -11.63 -8.40
C ILE E 29 -6.11 -10.21 -8.42
N ASP E 30 -6.54 -9.37 -9.37
CA ASP E 30 -6.05 -7.99 -9.34
C ASP E 30 -6.36 -7.26 -8.04
N GLU E 31 -7.50 -7.57 -7.44
CA GLU E 31 -7.84 -6.95 -6.20
C GLU E 31 -6.87 -7.50 -5.16
N ILE E 32 -6.71 -8.81 -5.17
CA ILE E 32 -5.87 -9.46 -4.18
C ILE E 32 -4.38 -9.23 -4.44
N MET E 33 -4.03 -8.67 -5.59
CA MET E 33 -2.65 -8.38 -5.94
C MET E 33 -2.26 -7.03 -5.29
N HIS E 34 -3.07 -6.00 -5.55
CA HIS E 34 -2.96 -4.67 -4.98
C HIS E 34 -3.41 -4.66 -3.52
N ASP E 35 -4.23 -5.63 -3.14
CA ASP E 35 -4.73 -5.66 -1.77
C ASP E 35 -3.56 -5.76 -0.77
N SER E 36 -2.34 -6.03 -1.28
CA SER E 36 -1.09 -6.18 -0.48
C SER E 36 0.24 -6.55 -1.27
N ILE E 37 0.72 -5.65 -2.17
CA ILE E 37 1.86 -5.81 -3.05
C ILE E 37 3.08 -6.40 -2.35
N GLN E 38 3.12 -6.20 -1.03
CA GLN E 38 4.19 -6.65 -0.09
C GLN E 38 3.65 -7.39 1.15
N ASP E 39 2.92 -8.51 0.97
CA ASP E 39 2.42 -9.19 2.17
C ASP E 39 2.20 -10.64 1.80
N THR E 40 3.04 -11.47 2.32
CA THR E 40 2.91 -12.85 1.97
C THR E 40 2.39 -13.52 3.22
N ALA E 41 2.12 -12.67 4.22
CA ALA E 41 1.61 -13.16 5.47
C ALA E 41 0.49 -14.13 5.12
N GLU E 42 -0.72 -13.61 5.20
CA GLU E 42 -1.91 -14.40 4.92
C GLU E 42 -2.15 -14.42 3.43
N GLN E 43 -1.70 -13.36 2.79
CA GLN E 43 -1.83 -13.21 1.38
C GLN E 43 -1.75 -14.50 0.56
N LYS E 44 -0.91 -15.43 1.00
CA LYS E 44 -0.74 -16.71 0.31
C LYS E 44 -2.05 -17.50 0.28
N VAL E 45 -2.48 -17.97 1.45
CA VAL E 45 -3.72 -18.73 1.56
C VAL E 45 -4.94 -18.01 1.01
N GLN E 46 -4.96 -16.69 1.11
CA GLN E 46 -6.09 -15.96 0.56
C GLN E 46 -6.19 -16.36 -0.92
N LEU E 47 -5.14 -16.15 -1.71
CA LEU E 47 -5.24 -16.50 -3.11
C LEU E 47 -5.58 -17.97 -3.30
N LEU E 48 -4.83 -18.84 -2.64
CA LEU E 48 -5.06 -20.27 -2.72
C LEU E 48 -6.50 -20.62 -2.39
N LEU E 49 -6.99 -20.11 -1.26
CA LEU E 49 -8.36 -20.38 -0.83
C LEU E 49 -9.36 -19.90 -1.88
N CYS E 50 -9.20 -18.74 -2.51
CA CYS E 50 -10.25 -18.35 -3.47
C CYS E 50 -10.45 -19.35 -4.58
N TRP E 51 -9.34 -19.93 -5.04
CA TRP E 51 -9.38 -20.97 -6.05
C TRP E 51 -10.15 -22.12 -5.42
N TYR E 52 -9.82 -22.47 -4.17
CA TYR E 52 -10.55 -23.58 -3.52
C TYR E 52 -12.04 -23.40 -3.77
N GLN E 53 -12.58 -22.25 -3.41
CA GLN E 53 -14.01 -22.09 -3.63
C GLN E 53 -14.36 -22.20 -5.06
N SER E 54 -13.34 -22.09 -5.92
CA SER E 54 -13.58 -22.20 -7.33
C SER E 54 -14.11 -23.62 -7.68
N HIS E 55 -13.30 -24.67 -7.46
CA HIS E 55 -13.73 -26.06 -7.76
C HIS E 55 -14.43 -26.80 -6.58
N GLY E 56 -13.64 -27.44 -5.71
CA GLY E 56 -14.19 -28.13 -4.56
C GLY E 56 -15.42 -28.97 -4.84
N LYS E 57 -15.17 -30.20 -5.25
CA LYS E 57 -16.23 -31.12 -5.58
C LYS E 57 -15.56 -32.47 -5.53
N SER E 58 -14.90 -32.78 -6.64
CA SER E 58 -14.19 -34.05 -6.77
C SER E 58 -12.81 -33.86 -7.38
N ASP E 59 -11.88 -34.63 -6.81
CA ASP E 59 -10.48 -34.65 -7.24
C ASP E 59 -9.82 -33.26 -7.34
N ALA E 60 -10.19 -32.36 -6.44
CA ALA E 60 -9.65 -30.99 -6.39
C ALA E 60 -8.12 -30.93 -6.19
N TYR E 61 -7.59 -31.87 -5.41
CA TYR E 61 -6.16 -31.95 -5.12
C TYR E 61 -5.36 -32.15 -6.36
N GLN E 62 -5.93 -32.89 -7.30
CA GLN E 62 -5.28 -33.14 -8.58
C GLN E 62 -5.14 -31.85 -9.33
N ASP E 63 -6.22 -31.08 -9.33
CA ASP E 63 -6.18 -29.83 -10.04
C ASP E 63 -5.15 -28.90 -9.38
N LEU E 64 -5.01 -28.99 -8.06
CA LEU E 64 -4.06 -28.14 -7.34
C LEU E 64 -2.64 -28.51 -7.71
N ILE E 65 -2.39 -29.81 -7.85
CA ILE E 65 -1.05 -30.30 -8.19
C ILE E 65 -0.76 -30.12 -9.68
N LYS E 66 -1.58 -30.76 -10.52
CA LYS E 66 -1.45 -30.68 -11.97
C LYS E 66 -1.40 -29.24 -12.44
N GLY E 67 -2.38 -28.46 -11.99
CA GLY E 67 -2.45 -27.06 -12.38
C GLY E 67 -1.26 -26.26 -11.88
N LEU E 68 -0.79 -26.57 -10.69
CA LEU E 68 0.35 -25.89 -10.09
C LEU E 68 1.60 -26.02 -10.95
N LYS E 69 1.64 -27.14 -11.67
CA LYS E 69 2.77 -27.46 -12.55
C LYS E 69 2.60 -26.76 -13.91
N LYS E 70 1.34 -26.61 -14.33
CA LYS E 70 0.98 -25.99 -15.61
C LYS E 70 1.01 -24.46 -15.54
N ALA E 71 1.14 -23.92 -14.32
CA ALA E 71 1.14 -22.47 -14.09
C ALA E 71 2.56 -21.94 -13.96
N GLU E 72 3.49 -22.59 -14.65
CA GLU E 72 4.93 -22.29 -14.66
C GLU E 72 5.62 -22.35 -13.27
N CYS E 73 5.16 -23.29 -12.42
CA CYS E 73 5.78 -23.55 -11.11
C CYS E 73 6.61 -24.83 -11.12
N ARG E 74 5.96 -26.00 -10.99
CA ARG E 74 6.67 -27.31 -10.95
C ARG E 74 7.59 -27.32 -9.74
N ARG E 75 7.11 -26.70 -8.66
CA ARG E 75 7.88 -26.57 -7.45
C ARG E 75 6.98 -26.38 -6.22
N THR E 76 5.83 -25.72 -6.41
CA THR E 76 4.91 -25.47 -5.30
C THR E 76 4.12 -26.75 -5.01
N LEU E 77 3.68 -27.43 -6.06
CA LEU E 77 2.95 -28.69 -6.00
C LEU E 77 3.78 -29.76 -5.31
N ASP E 78 5.11 -29.57 -5.24
CA ASP E 78 6.03 -30.54 -4.60
C ASP E 78 5.99 -30.55 -3.06
N LYS E 79 6.00 -29.37 -2.46
CA LYS E 79 5.95 -29.24 -0.99
C LYS E 79 4.55 -29.63 -0.47
N PHE E 80 3.49 -29.40 -1.28
CA PHE E 80 2.07 -29.76 -0.97
C PHE E 80 1.89 -31.25 -1.15
N GLN E 81 2.70 -31.82 -2.05
CA GLN E 81 2.64 -33.25 -2.32
C GLN E 81 3.08 -33.92 -1.02
N ASP E 82 4.01 -33.29 -0.28
CA ASP E 82 4.51 -33.81 1.01
C ASP E 82 3.49 -33.70 2.16
N MET E 83 2.60 -32.69 2.10
CA MET E 83 1.57 -32.42 3.11
C MET E 83 0.36 -33.36 3.02
N VAL E 84 -0.20 -33.53 1.81
CA VAL E 84 -1.32 -34.46 1.62
C VAL E 84 -0.74 -35.85 1.85
N GLN E 85 0.48 -36.08 1.33
CA GLN E 85 1.22 -37.36 1.50
C GLN E 85 1.18 -37.64 2.99
N LYS E 86 1.63 -36.65 3.76
CA LYS E 86 1.66 -36.72 5.22
C LYS E 86 0.22 -36.83 5.68
N GLY F 1 -33.08 1.66 -19.05
CA GLY F 1 -33.33 2.62 -17.96
C GLY F 1 -32.59 2.34 -16.66
N GLU F 2 -33.32 1.77 -15.69
CA GLU F 2 -32.81 1.47 -14.34
C GLU F 2 -32.03 0.14 -14.12
N GLU F 3 -32.56 -1.00 -14.60
CA GLU F 3 -31.92 -2.33 -14.43
C GLU F 3 -30.77 -2.51 -15.44
N ASP F 4 -30.87 -1.75 -16.54
CA ASP F 4 -29.87 -1.74 -17.62
C ASP F 4 -28.58 -1.20 -16.97
N LEU F 5 -28.67 -0.03 -16.35
CA LEU F 5 -27.53 0.59 -15.69
C LEU F 5 -26.97 -0.32 -14.60
N CYS F 6 -27.85 -1.08 -13.95
CA CYS F 6 -27.50 -2.03 -12.88
C CYS F 6 -26.59 -3.13 -13.44
N ALA F 7 -27.04 -3.73 -14.54
CA ALA F 7 -26.30 -4.80 -15.19
C ALA F 7 -24.94 -4.29 -15.67
N ALA F 8 -24.91 -3.05 -16.16
CA ALA F 8 -23.65 -2.47 -16.63
C ALA F 8 -22.70 -2.20 -15.46
N PHE F 9 -23.23 -1.69 -14.34
CA PHE F 9 -22.41 -1.39 -13.15
C PHE F 9 -21.73 -2.65 -12.62
N ASN F 10 -22.46 -3.75 -12.71
CA ASN F 10 -21.95 -5.04 -12.25
C ASN F 10 -20.77 -5.53 -13.08
N VAL F 11 -20.80 -5.31 -14.38
CA VAL F 11 -19.72 -5.73 -15.25
C VAL F 11 -18.55 -4.80 -15.01
N ILE F 12 -18.83 -3.50 -14.88
CA ILE F 12 -17.76 -2.55 -14.66
C ILE F 12 -17.10 -2.72 -13.29
N CYS F 13 -17.93 -2.71 -12.25
CA CYS F 13 -17.45 -2.85 -10.91
C CYS F 13 -16.57 -4.09 -10.80
N ASP F 14 -17.02 -5.24 -11.29
CA ASP F 14 -16.15 -6.42 -11.20
C ASP F 14 -15.11 -6.52 -12.28
N ASN F 15 -14.71 -5.41 -12.88
CA ASN F 15 -13.73 -5.57 -13.95
C ASN F 15 -12.70 -4.48 -14.12
N VAL F 16 -12.97 -3.30 -13.58
CA VAL F 16 -12.04 -2.20 -13.72
C VAL F 16 -10.80 -2.37 -12.85
N GLY F 17 -10.96 -2.01 -11.59
CA GLY F 17 -9.86 -2.09 -10.65
C GLY F 17 -8.90 -0.94 -10.85
N LYS F 18 -7.62 -1.29 -10.88
CA LYS F 18 -6.53 -0.34 -11.03
C LYS F 18 -6.97 1.05 -11.45
N ASP F 19 -7.07 1.33 -12.74
CA ASP F 19 -7.45 2.69 -13.12
C ASP F 19 -8.88 3.12 -12.98
N TRP F 20 -9.46 2.82 -11.83
CA TRP F 20 -10.82 3.26 -11.53
C TRP F 20 -10.83 4.80 -11.55
N ARG F 21 -9.98 5.43 -10.74
CA ARG F 21 -9.92 6.88 -10.69
C ARG F 21 -9.88 7.56 -12.06
N ARG F 22 -9.17 6.95 -13.01
CA ARG F 22 -9.10 7.50 -14.36
C ARG F 22 -10.52 7.60 -14.85
N LEU F 23 -11.24 6.52 -14.65
CA LEU F 23 -12.63 6.37 -15.06
C LEU F 23 -13.52 7.42 -14.40
N ALA F 24 -13.32 7.56 -13.08
CA ALA F 24 -14.07 8.53 -12.27
C ALA F 24 -14.00 9.90 -12.93
N ARG F 25 -12.78 10.35 -13.20
CA ARG F 25 -12.59 11.64 -13.82
C ARG F 25 -13.33 11.79 -15.15
N GLN F 26 -13.30 10.74 -15.98
CA GLN F 26 -13.99 10.77 -17.28
C GLN F 26 -15.49 10.97 -17.15
N LEU F 27 -16.05 10.44 -16.07
CA LEU F 27 -17.48 10.53 -15.78
C LEU F 27 -17.76 11.88 -15.14
N LYS F 28 -16.79 12.77 -15.33
CA LYS F 28 -16.84 14.13 -14.83
C LYS F 28 -17.13 14.12 -13.33
N VAL F 29 -16.41 13.27 -12.60
CA VAL F 29 -16.62 13.20 -11.15
C VAL F 29 -15.53 13.99 -10.43
N SER F 30 -15.93 15.09 -9.80
CA SER F 30 -14.99 15.93 -9.08
C SER F 30 -14.11 15.08 -8.18
N ASP F 31 -12.86 15.49 -8.02
CA ASP F 31 -11.92 14.77 -7.16
C ASP F 31 -12.32 15.04 -5.73
N THR F 32 -13.04 16.14 -5.53
CA THR F 32 -13.51 16.52 -4.19
C THR F 32 -14.30 15.33 -3.69
N LYS F 33 -14.95 14.66 -4.62
CA LYS F 33 -15.69 13.46 -4.28
C LYS F 33 -14.70 12.28 -4.34
N ILE F 34 -14.00 12.14 -5.48
CA ILE F 34 -13.11 11.00 -5.63
C ILE F 34 -12.23 10.85 -4.38
N ASP F 35 -11.88 11.95 -3.76
CA ASP F 35 -11.09 11.87 -2.59
C ASP F 35 -11.86 11.06 -1.55
N SER F 36 -13.05 11.56 -1.23
CA SER F 36 -13.95 10.95 -0.27
C SER F 36 -14.11 9.47 -0.51
N ILE F 37 -14.30 9.11 -1.76
CA ILE F 37 -14.58 7.71 -2.08
C ILE F 37 -13.41 6.81 -1.69
N GLU F 38 -12.21 7.32 -1.86
CA GLU F 38 -11.02 6.58 -1.51
C GLU F 38 -11.13 6.37 -0.02
N ASP F 39 -11.54 7.46 0.62
CA ASP F 39 -11.73 7.46 2.03
C ASP F 39 -12.71 6.43 2.58
N ARG F 40 -14.00 6.59 2.27
CA ARG F 40 -15.08 5.69 2.72
C ARG F 40 -14.82 4.17 2.53
N TYR F 41 -14.38 3.75 1.35
CA TYR F 41 -14.11 2.32 1.16
C TYR F 41 -12.64 1.96 0.91
N PRO F 42 -11.77 2.25 1.88
CA PRO F 42 -10.35 1.94 1.70
C PRO F 42 -10.19 0.44 1.45
N ARG F 43 -11.15 -0.33 1.96
CA ARG F 43 -11.10 -1.78 1.80
C ARG F 43 -11.24 -2.35 0.40
N ASN F 44 -12.44 -2.31 -0.16
CA ASN F 44 -12.67 -2.89 -1.49
C ASN F 44 -12.67 -2.00 -2.69
N LEU F 45 -11.82 -2.40 -3.65
CA LEU F 45 -11.67 -1.60 -4.85
C LEU F 45 -12.95 -1.62 -5.65
N THR F 46 -13.69 -2.73 -5.50
CA THR F 46 -14.97 -2.95 -6.19
C THR F 46 -16.08 -2.01 -5.75
N GLU F 47 -16.09 -1.69 -4.47
CA GLU F 47 -17.12 -0.82 -3.92
C GLU F 47 -16.89 0.58 -4.40
N ARG F 48 -15.68 1.07 -4.14
CA ARG F 48 -15.25 2.41 -4.56
C ARG F 48 -15.75 2.71 -5.97
N VAL F 49 -15.39 1.86 -6.92
CA VAL F 49 -15.81 2.03 -8.31
C VAL F 49 -17.30 2.24 -8.44
N ARG F 50 -18.03 1.23 -8.02
CA ARG F 50 -19.46 1.29 -8.07
C ARG F 50 -19.86 2.63 -7.57
N GLU F 51 -19.60 2.88 -6.30
CA GLU F 51 -19.94 4.18 -5.74
C GLU F 51 -19.68 5.26 -6.78
N SER F 52 -18.44 5.32 -7.26
CA SER F 52 -18.07 6.29 -8.30
C SER F 52 -19.23 6.46 -9.32
N LEU F 53 -19.69 5.35 -9.89
CA LEU F 53 -20.72 5.26 -10.91
C LEU F 53 -22.04 5.81 -10.37
N ARG F 54 -22.32 5.45 -9.12
CA ARG F 54 -23.53 5.90 -8.51
C ARG F 54 -23.61 7.41 -8.58
N ILE F 55 -22.58 8.08 -8.10
CA ILE F 55 -22.56 9.53 -8.05
C ILE F 55 -22.88 10.06 -9.43
N TRP F 56 -22.32 9.36 -10.41
CA TRP F 56 -22.50 9.71 -11.79
C TRP F 56 -23.97 9.57 -12.16
N LYS F 57 -24.65 8.52 -11.69
CA LYS F 57 -26.07 8.39 -12.05
C LYS F 57 -26.95 9.46 -11.39
N ASN F 58 -26.52 9.99 -10.24
CA ASN F 58 -27.27 11.02 -9.51
C ASN F 58 -27.02 12.44 -10.04
N THR F 59 -25.93 12.57 -10.80
CA THR F 59 -25.49 13.84 -11.42
C THR F 59 -26.37 14.16 -12.64
N GLU F 60 -26.80 13.09 -13.31
CA GLU F 60 -27.68 13.18 -14.48
C GLU F 60 -28.79 12.10 -14.36
N LYS F 61 -29.90 12.47 -13.70
CA LYS F 61 -31.04 11.56 -13.51
C LYS F 61 -31.49 10.99 -14.87
N GLU F 62 -31.76 11.91 -15.80
CA GLU F 62 -32.23 11.60 -17.17
C GLU F 62 -31.18 11.23 -18.24
N ASN F 63 -29.96 11.78 -18.20
CA ASN F 63 -28.99 11.45 -19.25
C ASN F 63 -27.99 10.35 -18.94
N ALA F 64 -28.27 9.64 -17.86
CA ALA F 64 -27.46 8.54 -17.39
C ALA F 64 -27.74 7.37 -18.33
N THR F 65 -27.06 7.38 -19.48
CA THR F 65 -27.22 6.33 -20.47
C THR F 65 -25.97 5.49 -20.60
N VAL F 66 -26.18 4.18 -20.78
CA VAL F 66 -25.06 3.24 -20.96
C VAL F 66 -24.14 3.76 -22.06
N ALA F 67 -24.74 4.42 -23.05
CA ALA F 67 -24.01 5.00 -24.18
C ALA F 67 -22.79 5.68 -23.63
N HIS F 68 -23.06 6.72 -22.85
CA HIS F 68 -22.03 7.52 -22.25
C HIS F 68 -21.10 6.67 -21.42
N LEU F 69 -21.62 5.64 -20.73
CA LEU F 69 -20.76 4.81 -19.88
C LEU F 69 -19.71 4.18 -20.78
N VAL F 70 -20.14 3.58 -21.87
CA VAL F 70 -19.21 2.94 -22.77
C VAL F 70 -18.30 4.02 -23.31
N GLY F 71 -18.85 5.19 -23.57
CA GLY F 71 -18.05 6.30 -24.06
C GLY F 71 -16.98 6.67 -23.05
N ALA F 72 -17.32 6.63 -21.76
CA ALA F 72 -16.35 6.94 -20.71
C ALA F 72 -15.23 5.91 -20.67
N LEU F 73 -15.59 4.64 -20.74
CA LEU F 73 -14.68 3.51 -20.72
C LEU F 73 -13.66 3.55 -21.86
N ARG F 74 -14.12 3.83 -23.06
CA ARG F 74 -13.23 3.86 -24.22
C ARG F 74 -12.27 5.05 -24.36
N SER F 75 -12.54 6.17 -23.70
CA SER F 75 -11.67 7.32 -23.75
C SER F 75 -10.45 7.08 -22.84
N CYS F 76 -10.61 6.13 -21.92
CA CYS F 76 -9.60 5.71 -20.95
C CYS F 76 -8.91 4.41 -21.40
N GLN F 77 -9.25 3.90 -22.59
CA GLN F 77 -8.69 2.66 -23.18
C GLN F 77 -9.21 1.32 -22.60
N MET F 78 -10.23 1.42 -21.74
CA MET F 78 -10.85 0.24 -21.10
C MET F 78 -11.77 -0.31 -22.15
N ASN F 79 -11.20 -0.59 -23.30
CA ASN F 79 -11.97 -1.11 -24.38
C ASN F 79 -12.69 -2.41 -24.00
N LEU F 80 -11.92 -3.41 -23.60
CA LEU F 80 -12.45 -4.74 -23.31
C LEU F 80 -13.69 -4.70 -22.42
N VAL F 81 -13.72 -3.74 -21.50
CA VAL F 81 -14.87 -3.53 -20.58
C VAL F 81 -16.07 -2.81 -21.21
N ALA F 82 -15.78 -1.80 -22.04
CA ALA F 82 -16.85 -1.07 -22.72
C ALA F 82 -17.49 -2.11 -23.66
N ASP F 83 -16.65 -2.94 -24.31
CA ASP F 83 -17.07 -4.04 -25.22
C ASP F 83 -18.09 -4.97 -24.48
N LEU F 84 -17.64 -5.66 -23.42
CA LEU F 84 -18.50 -6.52 -22.61
C LEU F 84 -19.78 -5.83 -22.16
N VAL F 85 -19.63 -4.55 -21.73
CA VAL F 85 -20.72 -3.67 -21.28
C VAL F 85 -21.66 -3.45 -22.44
N GLN F 86 -21.12 -3.45 -23.65
CA GLN F 86 -21.94 -3.25 -24.84
C GLN F 86 -22.67 -4.54 -25.27
N GLU F 87 -22.03 -5.70 -25.12
CA GLU F 87 -22.61 -7.01 -25.51
C GLU F 87 -23.67 -7.50 -24.50
N VAL F 88 -23.61 -7.01 -23.25
CA VAL F 88 -24.56 -7.37 -22.20
C VAL F 88 -25.79 -6.47 -22.37
N GLN F 89 -25.56 -5.28 -22.95
CA GLN F 89 -26.60 -4.27 -23.21
C GLN F 89 -27.39 -4.61 -24.48
N GLN F 90 -26.75 -5.35 -25.39
CA GLN F 90 -27.36 -5.76 -26.66
C GLN F 90 -28.18 -7.04 -26.42
N ALA F 91 -27.66 -7.91 -25.56
CA ALA F 91 -28.33 -9.17 -25.22
C ALA F 91 -29.63 -8.96 -24.45
N ARG F 92 -29.66 -7.89 -23.64
CA ARG F 92 -30.80 -7.53 -22.80
C ARG F 92 -31.91 -6.81 -23.58
N GLY G 1 -20.25 37.23 9.03
CA GLY G 1 -20.51 36.68 10.38
C GLY G 1 -20.79 35.18 10.42
N GLU G 2 -22.07 34.84 10.56
CA GLU G 2 -22.55 33.45 10.67
C GLU G 2 -22.77 32.63 9.38
N GLU G 3 -23.46 33.20 8.38
CA GLU G 3 -23.76 32.49 7.09
C GLU G 3 -22.52 32.52 6.18
N ASP G 4 -21.65 33.50 6.42
CA ASP G 4 -20.40 33.68 5.66
C ASP G 4 -19.56 32.43 5.97
N LEU G 5 -19.36 32.16 7.26
CA LEU G 5 -18.59 31.00 7.70
C LEU G 5 -19.20 29.71 7.18
N CYS G 6 -20.54 29.69 7.07
CA CYS G 6 -21.29 28.54 6.57
C CYS G 6 -20.90 28.24 5.12
N ALA G 7 -20.97 29.29 4.31
CA ALA G 7 -20.64 29.19 2.89
C ALA G 7 -19.19 28.75 2.71
N ALA G 8 -18.31 29.25 3.58
CA ALA G 8 -16.91 28.87 3.50
C ALA G 8 -16.70 27.41 3.89
N PHE G 9 -17.38 26.95 4.94
CA PHE G 9 -17.26 25.57 5.43
C PHE G 9 -17.66 24.60 4.35
N ASN G 10 -18.68 24.98 3.59
CA ASN G 10 -19.20 24.16 2.51
C ASN G 10 -18.20 23.96 1.37
N VAL G 11 -17.45 25.01 1.06
CA VAL G 11 -16.44 24.93 0.01
C VAL G 11 -15.29 24.10 0.53
N ILE G 12 -14.91 24.34 1.78
CA ILE G 12 -13.79 23.60 2.35
C ILE G 12 -14.11 22.12 2.55
N CYS G 13 -15.21 21.88 3.25
CA CYS G 13 -15.64 20.54 3.50
C CYS G 13 -15.68 19.73 2.21
N ASP G 14 -16.33 20.24 1.17
CA ASP G 14 -16.35 19.48 -0.08
C ASP G 14 -15.10 19.64 -0.91
N ASN G 15 -13.96 19.97 -0.33
CA ASN G 15 -12.83 20.14 -1.21
C ASN G 15 -11.48 19.75 -0.66
N VAL G 16 -11.35 19.66 0.65
CA VAL G 16 -10.07 19.29 1.25
C VAL G 16 -9.73 17.83 1.06
N GLY G 17 -10.30 17.02 1.94
CA GLY G 17 -10.05 15.59 1.91
C GLY G 17 -8.69 15.27 2.51
N LYS G 18 -7.95 14.43 1.79
CA LYS G 18 -6.64 13.97 2.19
C LYS G 18 -6.05 14.74 3.36
N ASP G 19 -5.33 15.82 3.11
CA ASP G 19 -4.74 16.53 4.24
C ASP G 19 -5.61 17.37 5.12
N TRP G 20 -6.75 16.82 5.50
CA TRP G 20 -7.64 17.51 6.43
C TRP G 20 -6.88 17.73 7.75
N ARG G 21 -6.37 16.65 8.34
CA ARG G 21 -5.64 16.75 9.61
C ARG G 21 -4.56 17.85 9.62
N ARG G 22 -3.89 18.06 8.50
CA ARG G 22 -2.87 19.10 8.41
C ARG G 22 -3.58 20.40 8.74
N LEU G 23 -4.72 20.57 8.12
CA LEU G 23 -5.56 21.75 8.25
C LEU G 23 -6.01 21.94 9.69
N ALA G 24 -6.48 20.83 10.30
CA ALA G 24 -6.93 20.82 11.68
C ALA G 24 -5.86 21.43 12.57
N ARG G 25 -4.65 20.92 12.47
CA ARG G 25 -3.56 21.43 13.27
C ARG G 25 -3.33 22.92 13.10
N GLN G 26 -3.40 23.40 11.86
CA GLN G 26 -3.21 24.84 11.57
C GLN G 26 -4.24 25.72 12.26
N LEU G 27 -5.45 25.19 12.42
CA LEU G 27 -6.56 25.90 13.05
C LEU G 27 -6.41 25.76 14.57
N LYS G 28 -5.18 25.40 14.96
CA LYS G 28 -4.80 25.20 16.34
C LYS G 28 -5.78 24.25 17.03
N VAL G 29 -6.06 23.14 16.38
CA VAL G 29 -6.98 22.16 16.96
C VAL G 29 -6.18 21.02 17.58
N SER G 30 -6.24 20.93 18.92
CA SER G 30 -5.53 19.89 19.64
C SER G 30 -5.78 18.54 18.98
N ASP G 31 -4.78 17.66 19.02
CA ASP G 31 -4.92 16.33 18.44
C ASP G 31 -5.81 15.52 19.38
N THR G 32 -5.86 15.95 20.64
CA THR G 32 -6.69 15.29 21.63
C THR G 32 -8.09 15.25 21.05
N LYS G 33 -8.41 16.31 20.32
CA LYS G 33 -9.69 16.36 19.67
C LYS G 33 -9.55 15.64 18.30
N ILE G 34 -8.56 16.04 17.49
CA ILE G 34 -8.41 15.44 16.17
C ILE G 34 -8.51 13.91 16.27
N ASP G 35 -8.03 13.38 17.36
CA ASP G 35 -8.12 11.96 17.52
C ASP G 35 -9.58 11.57 17.48
N SER G 36 -10.33 12.13 18.43
CA SER G 36 -11.76 11.90 18.57
C SER G 36 -12.48 12.01 17.24
N ILE G 37 -12.15 13.03 16.47
CA ILE G 37 -12.89 13.28 15.23
C ILE G 37 -12.70 12.12 14.25
N GLU G 38 -11.52 11.55 14.25
CA GLU G 38 -11.23 10.43 13.37
C GLU G 38 -12.18 9.35 13.84
N ASP G 39 -12.26 9.26 15.16
CA ASP G 39 -13.10 8.32 15.81
C ASP G 39 -14.58 8.40 15.43
N ARG G 40 -15.25 9.47 15.85
CA ARG G 40 -16.68 9.70 15.60
C ARG G 40 -17.14 9.48 14.14
N TYR G 41 -16.45 10.06 13.16
CA TYR G 41 -16.85 9.86 11.77
C TYR G 41 -15.87 9.07 10.91
N PRO G 42 -15.61 7.81 11.26
CA PRO G 42 -14.70 7.00 10.47
C PRO G 42 -15.20 6.91 9.05
N ARG G 43 -16.51 7.02 8.88
CA ARG G 43 -17.10 6.94 7.56
C ARG G 43 -16.77 8.02 6.55
N ASN G 44 -17.30 9.22 6.73
CA ASN G 44 -17.07 10.30 5.76
C ASN G 44 -16.02 11.33 6.05
N LEU G 45 -15.15 11.46 5.04
CA LEU G 45 -14.03 12.38 5.19
C LEU G 45 -14.55 13.81 5.26
N THR G 46 -15.68 14.04 4.60
CA THR G 46 -16.33 15.34 4.55
C THR G 46 -16.88 15.82 5.89
N GLU G 47 -17.38 14.91 6.68
CA GLU G 47 -17.96 15.25 7.97
C GLU G 47 -16.85 15.63 8.90
N ARG G 48 -15.89 14.72 9.04
CA ARG G 48 -14.72 14.93 9.90
C ARG G 48 -14.21 16.36 9.75
N VAL G 49 -13.88 16.74 8.52
CA VAL G 49 -13.39 18.10 8.25
C VAL G 49 -14.25 19.17 8.85
N ARG G 50 -15.49 19.20 8.37
CA ARG G 50 -16.45 20.16 8.85
C ARG G 50 -16.31 20.20 10.33
N GLU G 51 -16.67 19.11 10.98
CA GLU G 51 -16.53 19.05 12.42
C GLU G 51 -15.28 19.81 12.84
N SER G 52 -14.13 19.40 12.32
CA SER G 52 -12.86 20.06 12.62
C SER G 52 -13.08 21.59 12.70
N LEU G 53 -13.68 22.18 11.66
CA LEU G 53 -13.93 23.61 11.50
C LEU G 53 -14.85 24.10 12.60
N ARG G 54 -15.86 23.30 12.89
CA ARG G 54 -16.79 23.67 13.91
C ARG G 54 -16.08 23.94 15.20
N ILE G 55 -15.27 22.99 15.64
CA ILE G 55 -14.56 23.13 16.90
C ILE G 55 -13.81 24.45 16.90
N TRP G 56 -13.27 24.75 15.74
CA TRP G 56 -12.53 25.96 15.54
C TRP G 56 -13.44 27.16 15.74
N LYS G 57 -14.67 27.11 15.24
CA LYS G 57 -15.55 28.26 15.43
C LYS G 57 -15.96 28.46 16.89
N ASN G 58 -16.00 27.37 17.66
CA ASN G 58 -16.38 27.41 19.09
C ASN G 58 -15.23 27.83 20.02
N THR G 59 -14.02 27.75 19.47
CA THR G 59 -12.78 28.10 20.18
C THR G 59 -12.61 29.63 20.23
N GLU G 60 -13.10 30.29 19.18
CA GLU G 60 -13.07 31.74 19.06
C GLU G 60 -14.44 32.23 18.55
N LYS G 61 -15.38 32.47 19.48
CA LYS G 61 -16.73 32.95 19.14
C LYS G 61 -16.63 34.19 18.25
N GLU G 62 -15.88 35.19 18.74
CA GLU G 62 -15.67 36.48 18.07
C GLU G 62 -14.57 36.59 16.99
N ASN G 63 -13.48 35.85 17.09
CA ASN G 63 -12.42 35.99 16.08
C ASN G 63 -12.41 34.97 14.95
N ALA G 64 -13.52 34.24 14.87
CA ALA G 64 -13.73 33.24 13.84
C ALA G 64 -14.02 33.99 12.54
N THR G 65 -12.96 34.42 11.88
CA THR G 65 -13.07 35.15 10.63
C THR G 65 -12.55 34.36 9.46
N VAL G 66 -13.26 34.45 8.33
CA VAL G 66 -12.85 33.77 7.10
C VAL G 66 -11.38 34.09 6.81
N ALA G 67 -10.97 35.31 7.17
CA ALA G 67 -9.60 35.78 6.99
C ALA G 67 -8.70 34.65 7.42
N HIS G 68 -8.77 34.37 8.71
CA HIS G 68 -7.94 33.35 9.31
C HIS G 68 -8.15 32.02 8.61
N LEU G 69 -9.37 31.70 8.16
CA LEU G 69 -9.60 30.40 7.53
C LEU G 69 -8.72 30.33 6.29
N VAL G 70 -8.76 31.37 5.49
CA VAL G 70 -7.97 31.37 4.28
C VAL G 70 -6.51 31.32 4.71
N GLY G 71 -6.18 32.04 5.78
CA GLY G 71 -4.83 32.02 6.30
C GLY G 71 -4.40 30.62 6.67
N ALA G 72 -5.32 29.86 7.25
CA ALA G 72 -5.01 28.49 7.64
C ALA G 72 -4.75 27.62 6.41
N LEU G 73 -5.61 27.75 5.40
CA LEU G 73 -5.54 27.01 4.15
C LEU G 73 -4.23 27.22 3.41
N ARG G 74 -3.78 28.47 3.31
CA ARG G 74 -2.56 28.78 2.59
C ARG G 74 -1.23 28.42 3.25
N SER G 75 -1.21 28.23 4.57
CA SER G 75 0.03 27.86 5.27
C SER G 75 0.30 26.37 5.05
N CYS G 76 -0.76 25.67 4.66
CA CYS G 76 -0.76 24.23 4.35
C CYS G 76 -0.70 23.96 2.84
N GLN G 77 -0.57 25.02 2.03
CA GLN G 77 -0.49 24.96 0.55
C GLN G 77 -1.82 24.68 -0.19
N MET G 78 -2.94 24.69 0.56
CA MET G 78 -4.26 24.43 -0.01
C MET G 78 -4.65 25.75 -0.61
N ASN G 79 -3.79 26.23 -1.50
CA ASN G 79 -4.05 27.49 -2.13
C ASN G 79 -5.40 27.51 -2.87
N LEU G 80 -5.55 26.60 -3.83
CA LEU G 80 -6.74 26.55 -4.68
C LEU G 80 -8.04 26.65 -3.90
N VAL G 81 -8.05 26.09 -2.69
CA VAL G 81 -9.23 26.16 -1.78
C VAL G 81 -9.39 27.48 -1.03
N ALA G 82 -8.27 28.06 -0.59
CA ALA G 82 -8.32 29.35 0.10
C ALA G 82 -8.80 30.34 -0.97
N ASP G 83 -8.29 30.20 -2.21
CA ASP G 83 -8.68 31.03 -3.39
C ASP G 83 -10.22 31.00 -3.58
N LEU G 84 -10.79 29.82 -3.88
CA LEU G 84 -12.23 29.64 -4.03
C LEU G 84 -13.02 30.20 -2.86
N VAL G 85 -12.50 29.94 -1.63
CA VAL G 85 -13.06 30.39 -0.34
C VAL G 85 -13.03 31.92 -0.32
N GLN G 86 -12.02 32.49 -0.97
CA GLN G 86 -11.90 33.94 -1.03
C GLN G 86 -12.83 34.58 -2.07
N GLU G 87 -13.03 33.91 -3.21
CA GLU G 87 -13.90 34.41 -4.32
C GLU G 87 -15.40 34.25 -4.01
N VAL G 88 -15.74 33.35 -3.09
CA VAL G 88 -17.13 33.10 -2.69
C VAL G 88 -17.46 34.12 -1.57
N GLN G 89 -16.41 34.55 -0.86
CA GLN G 89 -16.52 35.53 0.22
C GLN G 89 -16.59 36.97 -0.33
N GLN G 90 -16.04 37.17 -1.53
CA GLN G 90 -16.02 38.47 -2.21
C GLN G 90 -17.37 38.64 -2.95
N ALA G 91 -17.87 37.55 -3.51
CA ALA G 91 -19.14 37.57 -4.26
C ALA G 91 -20.35 37.84 -3.35
N ARG G 92 -20.24 37.38 -2.10
CA ARG G 92 -21.29 37.51 -1.09
C ARG G 92 -21.32 38.89 -0.46
N GLY H 1 8.98 23.97 26.68
CA GLY H 1 8.10 22.99 27.34
C GLY H 1 7.17 22.23 26.41
N GLU H 2 5.91 22.64 26.41
CA GLU H 2 4.84 22.01 25.62
C GLU H 2 4.66 22.41 24.12
N GLU H 3 4.66 23.71 23.82
CA GLU H 3 4.48 24.22 22.42
C GLU H 3 5.80 24.10 21.64
N ASP H 4 6.91 24.06 22.39
CA ASP H 4 8.27 23.94 21.85
C ASP H 4 8.31 22.56 21.17
N LEU H 5 7.97 21.52 21.94
CA LEU H 5 7.94 20.16 21.44
C LEU H 5 7.00 20.04 20.25
N CYS H 6 5.90 20.80 20.27
CA CYS H 6 4.89 20.83 19.19
C CYS H 6 5.51 21.31 17.89
N ALA H 7 6.19 22.45 17.98
CA ALA H 7 6.86 23.06 16.84
C ALA H 7 7.92 22.11 16.28
N ALA H 8 8.62 21.41 17.17
CA ALA H 8 9.64 20.49 16.73
C ALA H 8 9.02 19.26 16.03
N PHE H 9 7.92 18.73 16.58
CA PHE H 9 7.24 17.56 16.01
C PHE H 9 6.78 17.84 14.60
N ASN H 10 6.33 19.07 14.38
CA ASN H 10 5.86 19.50 13.07
C ASN H 10 6.97 19.52 12.02
N VAL H 11 8.17 19.93 12.41
CA VAL H 11 9.30 19.96 11.48
C VAL H 11 9.73 18.53 11.22
N ILE H 12 9.76 17.72 12.28
CA ILE H 12 10.17 16.34 12.12
C ILE H 12 9.17 15.52 11.31
N CYS H 13 7.92 15.56 11.76
CA CYS H 13 6.86 14.82 11.10
C CYS H 13 6.86 15.14 9.62
N ASP H 14 6.88 16.42 9.25
CA ASP H 14 6.90 16.72 7.81
C ASP H 14 8.26 16.64 7.17
N ASN H 15 9.18 15.88 7.73
CA ASN H 15 10.49 15.87 7.09
C ASN H 15 11.27 14.58 7.11
N VAL H 16 10.92 13.68 8.01
CA VAL H 16 11.63 12.41 8.09
C VAL H 16 11.32 11.45 6.97
N GLY H 17 10.20 10.78 7.13
CA GLY H 17 9.77 9.82 6.14
C GLY H 17 10.56 8.52 6.25
N LYS H 18 11.01 8.06 5.09
CA LYS H 18 11.77 6.82 4.96
C LYS H 18 12.26 6.26 6.29
N ASP H 19 13.42 6.67 6.76
CA ASP H 19 13.89 6.10 8.01
C ASP H 19 13.29 6.55 9.32
N TRP H 20 11.98 6.61 9.33
CA TRP H 20 11.27 6.96 10.55
C TRP H 20 11.60 5.89 11.60
N ARG H 21 11.34 4.62 11.30
CA ARG H 21 11.61 3.53 12.23
C ARG H 21 12.99 3.59 12.87
N ARG H 22 14.00 4.02 12.11
CA ARG H 22 15.35 4.14 12.64
C ARG H 22 15.25 5.09 13.81
N LEU H 23 14.57 6.17 13.56
CA LEU H 23 14.38 7.25 14.52
C LEU H 23 13.65 6.75 15.76
N ALA H 24 12.56 5.99 15.52
CA ALA H 24 11.76 5.39 16.58
C ALA H 24 12.65 4.66 17.56
N ARG H 25 13.46 3.75 17.03
CA ARG H 25 14.36 2.98 17.88
C ARG H 25 15.29 3.84 18.71
N GLN H 26 15.83 4.90 18.12
CA GLN H 26 16.73 5.83 18.83
C GLN H 26 16.07 6.51 20.03
N LEU H 27 14.78 6.74 19.90
CA LEU H 27 13.98 7.39 20.93
C LEU H 27 13.58 6.33 21.95
N LYS H 28 14.31 5.22 21.89
CA LYS H 28 14.10 4.08 22.77
C LYS H 28 12.65 3.66 22.74
N VAL H 29 12.09 3.53 21.53
CA VAL H 29 10.70 3.10 21.41
C VAL H 29 10.64 1.62 21.03
N SER H 30 10.16 0.81 21.97
CA SER H 30 10.05 -0.63 21.75
C SER H 30 9.42 -0.89 20.39
N ASP H 31 9.84 -1.97 19.74
CA ASP H 31 9.29 -2.35 18.45
C ASP H 31 7.89 -2.91 18.69
N THR H 32 7.66 -3.35 19.93
CA THR H 32 6.36 -3.90 20.31
C THR H 32 5.35 -2.81 19.98
N LYS H 33 5.80 -1.57 20.15
CA LYS H 33 4.96 -0.45 19.81
C LYS H 33 5.16 -0.15 18.32
N ILE H 34 6.42 0.01 17.90
CA ILE H 34 6.67 0.37 16.50
C ILE H 34 5.86 -0.54 15.59
N ASP H 35 5.67 -1.78 15.98
CA ASP H 35 4.91 -2.66 15.17
C ASP H 35 3.52 -2.08 15.01
N SER H 36 2.86 -1.89 16.15
CA SER H 36 1.52 -1.33 16.24
C SER H 36 1.38 -0.08 15.39
N ILE H 37 2.35 0.80 15.48
CA ILE H 37 2.23 2.08 14.78
C ILE H 37 2.16 1.88 13.27
N GLU H 38 2.89 0.90 12.78
CA GLU H 38 2.88 0.60 11.36
C GLU H 38 1.46 0.19 11.07
N ASP H 39 0.94 -0.61 12.00
CA ASP H 39 -0.39 -1.09 11.92
C ASP H 39 -1.47 -0.01 11.84
N ARG H 40 -1.67 0.74 12.92
CA ARG H 40 -2.68 1.81 13.02
C ARG H 40 -2.71 2.80 11.83
N TYR H 41 -1.57 3.34 11.42
CA TYR H 41 -1.58 4.27 10.29
C TYR H 41 -0.85 3.79 9.03
N PRO H 42 -1.32 2.68 8.45
CA PRO H 42 -0.69 2.17 7.23
C PRO H 42 -0.72 3.24 6.15
N ARG H 43 -1.70 4.12 6.22
CA ARG H 43 -1.83 5.17 5.24
C ARG H 43 -0.74 6.24 5.17
N ASN H 44 -0.69 7.13 6.16
CA ASN H 44 0.28 8.22 6.14
C ASN H 44 1.54 8.08 6.94
N LEU H 45 2.63 8.28 6.22
CA LEU H 45 3.94 8.14 6.83
C LEU H 45 4.15 9.23 7.87
N THR H 46 3.51 10.37 7.63
CA THR H 46 3.59 11.52 8.51
C THR H 46 2.95 11.31 9.86
N GLU H 47 1.86 10.57 9.90
CA GLU H 47 1.14 10.31 11.12
C GLU H 47 1.95 9.38 11.98
N ARG H 48 2.29 8.24 11.40
CA ARG H 48 3.09 7.22 12.07
C ARG H 48 4.22 7.88 12.85
N VAL H 49 5.05 8.66 12.16
CA VAL H 49 6.17 9.37 12.81
C VAL H 49 5.76 10.12 14.04
N ARG H 50 4.88 11.09 13.82
CA ARG H 50 4.39 11.89 14.90
C ARG H 50 4.06 10.96 16.01
N GLU H 51 3.06 10.11 15.80
CA GLU H 51 2.71 9.16 16.82
C GLU H 51 3.97 8.67 17.53
N SER H 52 4.89 8.12 16.76
CA SER H 52 6.17 7.64 17.32
C SER H 52 6.67 8.62 18.42
N LEU H 53 6.76 9.90 18.10
CA LEU H 53 7.26 10.98 18.94
C LEU H 53 6.38 11.12 20.17
N ARG H 54 5.07 11.02 19.94
CA ARG H 54 4.14 11.14 21.01
C ARG H 54 4.47 10.15 22.11
N ILE H 55 4.60 8.89 21.74
CA ILE H 55 4.86 7.84 22.70
C ILE H 55 6.10 8.22 23.51
N TRP H 56 7.04 8.76 22.78
CA TRP H 56 8.27 9.20 23.37
C TRP H 56 8.00 10.30 24.39
N LYS H 57 7.10 11.24 24.10
CA LYS H 57 6.83 12.29 25.09
C LYS H 57 6.11 11.77 26.33
N ASN H 58 5.36 10.67 26.20
CA ASN H 58 4.62 10.06 27.32
C ASN H 58 5.49 9.13 28.18
N THR H 59 6.63 8.74 27.61
CA THR H 59 7.61 7.86 28.24
C THR H 59 8.43 8.64 29.29
N GLU H 60 8.64 9.92 29.00
CA GLU H 60 9.37 10.85 29.87
C GLU H 60 8.61 12.19 29.94
N LYS H 61 7.65 12.30 30.87
CA LYS H 61 6.86 13.52 31.05
C LYS H 61 7.77 14.74 31.20
N GLU H 62 8.70 14.62 32.15
CA GLU H 62 9.68 15.67 32.49
C GLU H 62 10.97 15.78 31.65
N ASN H 63 11.53 14.68 31.14
CA ASN H 63 12.78 14.78 30.41
C ASN H 63 12.67 14.86 28.89
N ALA H 64 11.44 15.06 28.43
CA ALA H 64 11.11 15.20 27.03
C ALA H 64 11.60 16.57 26.59
N THR H 65 12.90 16.64 26.29
CA THR H 65 13.53 17.89 25.85
C THR H 65 13.96 17.81 24.40
N VAL H 66 13.75 18.92 23.69
CA VAL H 66 14.16 19.03 22.29
C VAL H 66 15.62 18.58 22.15
N ALA H 67 16.41 18.87 23.19
CA ALA H 67 17.82 18.52 23.24
C ALA H 67 17.93 17.10 22.73
N HIS H 68 17.35 16.21 23.51
CA HIS H 68 17.38 14.79 23.21
C HIS H 68 16.83 14.53 21.82
N LEU H 69 15.80 15.27 21.39
CA LEU H 69 15.21 15.01 20.08
C LEU H 69 16.29 15.21 19.03
N VAL H 70 16.98 16.34 19.13
CA VAL H 70 18.00 16.63 18.17
C VAL H 70 19.06 15.54 18.32
N GLY H 71 19.32 15.15 19.57
CA GLY H 71 20.30 14.11 19.81
C GLY H 71 19.90 12.82 19.12
N ALA H 72 18.59 12.52 19.13
CA ALA H 72 18.10 11.31 18.49
C ALA H 72 18.30 11.38 16.97
N LEU H 73 17.97 12.52 16.39
CA LEU H 73 18.06 12.78 14.95
C LEU H 73 19.49 12.64 14.42
N ARG H 74 20.46 13.19 15.15
CA ARG H 74 21.85 13.14 14.71
C ARG H 74 22.59 11.81 14.84
N SER H 75 22.11 10.91 15.68
CA SER H 75 22.74 9.61 15.85
C SER H 75 22.35 8.70 14.67
N CYS H 76 21.27 9.09 14.00
CA CYS H 76 20.71 8.41 12.83
C CYS H 76 21.11 9.12 11.52
N GLN H 77 21.95 10.17 11.61
CA GLN H 77 22.44 10.96 10.46
C GLN H 77 21.43 11.96 9.85
N MET H 78 20.28 12.12 10.50
CA MET H 78 19.23 13.03 10.03
C MET H 78 19.70 14.39 10.49
N ASN H 79 20.90 14.73 10.08
CA ASN H 79 21.46 15.99 10.46
C ASN H 79 20.57 17.18 10.04
N LEU H 80 20.30 17.27 8.74
CA LEU H 80 19.57 18.41 8.18
C LEU H 80 18.29 18.71 8.96
N VAL H 81 17.64 17.67 9.49
CA VAL H 81 16.40 17.82 10.31
C VAL H 81 16.65 18.25 11.76
N ALA H 82 17.72 17.73 12.36
CA ALA H 82 18.06 18.10 13.73
C ALA H 82 18.45 19.59 13.64
N ASP H 83 19.19 19.96 12.58
CA ASP H 83 19.62 21.36 12.29
C ASP H 83 18.37 22.29 12.27
N LEU H 84 17.45 22.08 11.32
CA LEU H 84 16.21 22.84 11.22
C LEU H 84 15.45 22.91 12.54
N VAL H 85 15.39 21.74 13.21
CA VAL H 85 14.73 21.55 14.53
C VAL H 85 15.44 22.43 15.55
N GLN H 86 16.74 22.60 15.36
CA GLN H 86 17.54 23.43 16.26
C GLN H 86 17.37 24.94 16.00
N GLU H 87 17.26 25.33 14.72
CA GLU H 87 17.09 26.75 14.31
C GLU H 87 15.67 27.29 14.58
N VAL H 88 14.67 26.40 14.68
CA VAL H 88 13.28 26.77 14.96
C VAL H 88 13.15 26.90 16.48
N GLN H 89 14.00 26.16 17.20
CA GLN H 89 14.02 26.15 18.67
C GLN H 89 14.79 27.37 19.21
N GLN H 90 15.71 27.90 18.40
CA GLN H 90 16.53 29.07 18.75
C GLN H 90 15.71 30.34 18.44
N ALA H 91 14.96 30.31 17.34
CA ALA H 91 14.16 31.45 16.91
C ALA H 91 12.99 31.72 17.87
N ARG H 92 12.47 30.65 18.49
CA ARG H 92 11.35 30.70 19.41
C ARG H 92 11.77 31.15 20.81
N GLY I 1 -4.78 -20.25 36.21
CA GLY I 1 -6.21 -20.23 35.79
C GLY I 1 -6.62 -19.01 34.99
N GLU I 2 -7.31 -18.08 35.68
CA GLU I 2 -7.85 -16.86 35.09
C GLU I 2 -6.92 -15.62 34.92
N GLU I 3 -6.18 -15.24 35.96
CA GLU I 3 -5.26 -14.07 35.93
C GLU I 3 -3.95 -14.44 35.19
N ASP I 4 -3.65 -15.75 35.19
CA ASP I 4 -2.46 -16.30 34.52
C ASP I 4 -2.66 -16.01 33.03
N LEU I 5 -3.80 -16.46 32.47
CA LEU I 5 -4.12 -16.24 31.07
C LEU I 5 -4.11 -14.75 30.75
N CYS I 6 -4.51 -13.91 31.72
CA CYS I 6 -4.57 -12.43 31.58
C CYS I 6 -3.17 -11.86 31.36
N ALA I 7 -2.26 -12.27 32.23
CA ALA I 7 -0.87 -11.84 32.18
C ALA I 7 -0.24 -12.28 30.86
N ALA I 8 -0.60 -13.48 30.40
CA ALA I 8 -0.05 -13.98 29.14
C ALA I 8 -0.60 -13.20 27.95
N PHE I 9 -1.91 -12.90 27.96
CA PHE I 9 -2.56 -12.15 26.87
C PHE I 9 -1.92 -10.79 26.70
N ASN I 10 -1.55 -10.19 27.83
CA ASN I 10 -0.92 -8.87 27.84
C ASN I 10 0.46 -8.87 27.18
N VAL I 11 1.23 -9.94 27.38
CA VAL I 11 2.55 -10.05 26.77
C VAL I 11 2.36 -10.32 25.29
N ILE I 12 1.41 -11.20 24.97
CA ILE I 12 1.19 -11.52 23.58
C ILE I 12 0.61 -10.35 22.78
N CYS I 13 -0.48 -9.81 23.29
CA CYS I 13 -1.12 -8.69 22.66
C CYS I 13 -0.12 -7.59 22.37
N ASP I 14 0.67 -7.19 23.36
CA ASP I 14 1.65 -6.14 23.08
C ASP I 14 2.91 -6.63 22.44
N ASN I 15 2.87 -7.75 21.73
CA ASN I 15 4.13 -8.19 21.15
C ASN I 15 4.09 -8.89 19.82
N VAL I 16 2.93 -9.39 19.44
CA VAL I 16 2.80 -10.10 18.17
C VAL I 16 2.84 -9.17 16.97
N GLY I 17 1.68 -8.59 16.71
CA GLY I 17 1.53 -7.70 15.58
C GLY I 17 1.44 -8.47 14.29
N LYS I 18 2.22 -8.01 13.31
CA LYS I 18 2.27 -8.58 11.97
C LYS I 18 1.58 -9.93 11.86
N ASP I 19 2.28 -11.02 12.11
CA ASP I 19 1.62 -12.32 11.95
C ASP I 19 0.65 -12.78 12.99
N TRP I 20 -0.23 -11.89 13.39
CA TRP I 20 -1.27 -12.22 14.34
C TRP I 20 -2.14 -13.34 13.72
N ARG I 21 -2.69 -13.08 12.53
CA ARG I 21 -3.53 -14.07 11.85
C ARG I 21 -2.93 -15.48 11.80
N ARG I 22 -1.62 -15.57 11.64
CA ARG I 22 -0.95 -16.87 11.62
C ARG I 22 -1.28 -17.52 12.94
N LEU I 23 -1.13 -16.74 13.98
CA LEU I 23 -1.35 -17.17 15.35
C LEU I 23 -2.79 -17.62 15.55
N ALA I 24 -3.72 -16.79 15.05
CA ALA I 24 -5.15 -17.06 15.14
C ALA I 24 -5.43 -18.47 14.64
N ARG I 25 -4.98 -18.75 13.42
CA ARG I 25 -5.19 -20.07 12.84
C ARG I 25 -4.67 -21.21 13.69
N GLN I 26 -3.48 -21.03 14.28
CA GLN I 26 -2.88 -22.05 15.14
C GLN I 26 -3.74 -22.37 16.36
N LEU I 27 -4.44 -21.36 16.84
CA LEU I 27 -5.31 -21.48 18.00
C LEU I 27 -6.64 -22.05 17.55
N LYS I 28 -6.59 -22.65 16.35
CA LYS I 28 -7.75 -23.26 15.74
C LYS I 28 -8.91 -22.29 15.70
N VAL I 29 -8.64 -21.07 15.27
CA VAL I 29 -9.70 -20.07 15.19
C VAL I 29 -10.18 -19.93 13.74
N SER I 30 -11.42 -20.34 13.49
CA SER I 30 -12.00 -20.27 12.16
C SER I 30 -11.76 -18.90 11.55
N ASP I 31 -11.56 -18.86 10.24
CA ASP I 31 -11.33 -17.59 9.55
C ASP I 31 -12.67 -16.88 9.50
N THR I 32 -13.75 -17.66 9.62
CA THR I 32 -15.11 -17.09 9.61
C THR I 32 -15.12 -16.03 10.70
N LYS I 33 -14.38 -16.32 11.76
CA LYS I 33 -14.25 -15.37 12.83
C LYS I 33 -13.11 -14.40 12.48
N ILE I 34 -11.93 -14.93 12.15
CA ILE I 34 -10.78 -14.07 11.87
C ILE I 34 -11.20 -12.95 10.92
N ASP I 35 -12.09 -13.27 10.02
CA ASP I 35 -12.54 -12.27 9.12
C ASP I 35 -13.14 -11.12 9.92
N SER I 36 -14.17 -11.47 10.68
CA SER I 36 -14.88 -10.55 11.55
C SER I 36 -13.94 -9.69 12.37
N ILE I 37 -12.94 -10.30 12.95
CA ILE I 37 -12.04 -9.58 13.85
C ILE I 37 -11.30 -8.47 13.12
N GLU I 38 -10.95 -8.74 11.88
CA GLU I 38 -10.26 -7.77 11.07
C GLU I 38 -11.25 -6.63 10.94
N ASP I 39 -12.49 -7.03 10.72
CA ASP I 39 -13.56 -6.12 10.59
C ASP I 39 -13.78 -5.19 11.78
N ARG I 40 -14.21 -5.75 12.91
CA ARG I 40 -14.49 -4.99 14.15
C ARG I 40 -13.38 -4.00 14.59
N TYR I 41 -12.13 -4.44 14.63
CA TYR I 41 -11.06 -3.51 15.03
C TYR I 41 -10.05 -3.16 13.94
N PRO I 42 -10.51 -2.54 12.85
CA PRO I 42 -9.60 -2.17 11.78
C PRO I 42 -8.51 -1.27 12.32
N ARG I 43 -8.84 -0.54 13.38
CA ARG I 43 -7.89 0.38 13.98
C ARG I 43 -6.63 -0.19 14.63
N ASN I 44 -6.78 -0.83 15.79
CA ASN I 44 -5.62 -1.36 16.51
C ASN I 44 -5.29 -2.82 16.39
N LEU I 45 -4.03 -3.02 16.04
CA LEU I 45 -3.57 -4.38 15.81
C LEU I 45 -3.56 -5.14 17.12
N THR I 46 -3.34 -4.40 18.19
CA THR I 46 -3.31 -4.95 19.53
C THR I 46 -4.62 -5.51 20.02
N GLU I 47 -5.71 -4.87 19.65
CA GLU I 47 -7.03 -5.29 20.07
C GLU I 47 -7.38 -6.56 19.37
N ARG I 48 -7.32 -6.52 18.03
CA ARG I 48 -7.61 -7.68 17.18
C ARG I 48 -7.01 -8.94 17.78
N VAL I 49 -5.71 -8.92 18.01
CA VAL I 49 -5.01 -10.07 18.60
C VAL I 49 -5.69 -10.58 19.85
N ARG I 50 -5.72 -9.71 20.85
CA ARG I 50 -6.34 -10.05 22.10
C ARG I 50 -7.62 -10.72 21.77
N GLU I 51 -8.55 -9.98 21.20
CA GLU I 51 -9.81 -10.57 20.82
C GLU I 51 -9.58 -12.01 20.34
N SER I 52 -8.75 -12.16 19.32
CA SER I 52 -8.41 -13.49 18.79
C SER I 52 -8.29 -14.50 19.96
N LEU I 53 -7.47 -14.19 20.95
CA LEU I 53 -7.15 -15.02 22.11
C LEU I 53 -8.41 -15.27 22.93
N ARG I 54 -9.19 -14.22 23.08
CA ARG I 54 -10.41 -14.33 23.83
C ARG I 54 -11.26 -15.46 23.27
N ILE I 55 -11.52 -15.42 21.97
CA ILE I 55 -12.37 -16.42 21.33
C ILE I 55 -11.83 -17.80 21.67
N TRP I 56 -10.52 -17.86 21.68
CA TRP I 56 -9.83 -19.08 21.99
C TRP I 56 -10.13 -19.51 23.41
N LYS I 57 -10.15 -18.57 24.36
CA LYS I 57 -10.45 -18.98 25.74
C LYS I 57 -11.89 -19.44 25.93
N ASN I 58 -12.81 -18.93 25.10
CA ASN I 58 -14.24 -19.30 25.15
C ASN I 58 -14.55 -20.63 24.44
N THR I 59 -13.61 -21.05 23.59
CA THR I 59 -13.71 -22.28 22.80
C THR I 59 -13.42 -23.50 23.69
N GLU I 60 -12.53 -23.28 24.67
CA GLU I 60 -12.14 -24.31 25.64
C GLU I 60 -12.12 -23.67 27.06
N LYS I 61 -13.26 -23.67 27.75
CA LYS I 61 -13.37 -23.11 29.10
C LYS I 61 -12.30 -23.72 30.01
N GLU I 62 -12.28 -25.06 30.04
CA GLU I 62 -11.36 -25.85 30.86
C GLU I 62 -9.94 -26.13 30.31
N ASN I 63 -9.75 -26.27 29.00
CA ASN I 63 -8.42 -26.60 28.50
C ASN I 63 -7.57 -25.42 28.01
N ALA I 64 -8.06 -24.23 28.33
CA ALA I 64 -7.40 -22.99 28.00
C ALA I 64 -6.19 -22.85 28.93
N THR I 65 -5.09 -23.51 28.57
CA THR I 65 -3.86 -23.48 29.35
C THR I 65 -2.77 -22.75 28.63
N VAL I 66 -2.01 -21.99 29.40
CA VAL I 66 -0.87 -21.24 28.86
C VAL I 66 0.03 -22.20 28.06
N ALA I 67 0.08 -23.45 28.51
CA ALA I 67 0.85 -24.49 27.85
C ALA I 67 0.61 -24.38 26.37
N HIS I 68 -0.64 -24.65 26.02
CA HIS I 68 -1.05 -24.61 24.64
C HIS I 68 -0.74 -23.27 24.01
N LEU I 69 -0.88 -22.17 24.74
CA LEU I 69 -0.63 -20.86 24.16
C LEU I 69 0.82 -20.82 23.67
N VAL I 70 1.73 -21.23 24.55
CA VAL I 70 3.13 -21.22 24.20
C VAL I 70 3.29 -22.17 23.04
N GLY I 71 2.56 -23.29 23.09
CA GLY I 71 2.62 -24.26 22.02
C GLY I 71 2.18 -23.63 20.70
N ALA I 72 1.16 -22.78 20.76
CA ALA I 72 0.67 -22.12 19.55
C ALA I 72 1.72 -21.16 18.98
N LEU I 73 2.32 -20.38 19.85
CA LEU I 73 3.34 -19.39 19.53
C LEU I 73 4.56 -20.01 18.85
N ARG I 74 5.04 -21.12 19.38
CA ARG I 74 6.23 -21.77 18.82
C ARG I 74 6.07 -22.53 17.49
N SER I 75 4.85 -22.92 17.14
CA SER I 75 4.62 -23.63 15.88
C SER I 75 4.64 -22.62 14.72
N CYS I 76 4.47 -21.35 15.09
CA CYS I 76 4.47 -20.20 14.19
C CYS I 76 5.82 -19.47 14.21
N GLN I 77 6.79 -19.99 14.97
CA GLN I 77 8.15 -19.41 15.12
C GLN I 77 8.27 -18.15 16.02
N MET I 78 7.18 -17.82 16.71
CA MET I 78 7.12 -16.66 17.60
C MET I 78 7.77 -17.15 18.86
N ASN I 79 8.98 -17.64 18.71
CA ASN I 79 9.70 -18.14 19.84
C ASN I 79 9.86 -17.10 20.95
N LEU I 80 10.48 -15.98 20.61
CA LEU I 80 10.80 -14.93 21.59
C LEU I 80 9.61 -14.58 22.48
N VAL I 81 8.40 -14.63 21.91
CA VAL I 81 7.15 -14.35 22.66
C VAL I 81 6.65 -15.51 23.53
N ALA I 82 6.80 -16.74 23.03
CA ALA I 82 6.39 -17.91 23.80
C ALA I 82 7.35 -17.93 25.00
N ASP I 83 8.65 -17.65 24.73
CA ASP I 83 9.73 -17.56 25.77
C ASP I 83 9.29 -16.60 26.90
N LEU I 84 9.14 -15.31 26.59
CA LEU I 84 8.68 -14.30 27.53
C LEU I 84 7.42 -14.71 28.28
N VAL I 85 6.46 -15.28 27.52
CA VAL I 85 5.17 -15.79 28.00
C VAL I 85 5.45 -16.91 29.01
N GLN I 86 6.52 -17.65 28.76
CA GLN I 86 6.91 -18.74 29.65
C GLN I 86 7.60 -18.26 30.93
N GLU I 87 8.44 -17.22 30.82
CA GLU I 87 9.20 -16.65 31.97
C GLU I 87 8.31 -15.80 32.92
N VAL I 88 7.19 -15.29 32.39
CA VAL I 88 6.25 -14.48 33.17
C VAL I 88 5.32 -15.46 33.89
N GLN I 89 5.15 -16.66 33.31
CA GLN I 89 4.31 -17.73 33.86
C GLN I 89 5.04 -18.52 34.96
N GLN I 90 6.38 -18.50 34.89
CA GLN I 90 7.24 -19.18 35.86
C GLN I 90 7.43 -18.25 37.08
N ALA I 91 7.55 -16.95 36.82
CA ALA I 91 7.75 -15.96 37.88
C ALA I 91 6.50 -15.80 38.77
N ARG I 92 5.33 -16.03 38.18
CA ARG I 92 4.04 -15.91 38.85
C ARG I 92 3.70 -17.15 39.69
N GLY J 1 -38.94 -26.06 3.92
CA GLY J 1 -39.72 -24.82 4.15
C GLY J 1 -39.05 -23.79 5.03
N GLU J 2 -39.49 -23.72 6.29
CA GLU J 2 -39.01 -22.76 7.28
C GLU J 2 -37.71 -23.08 8.07
N GLU J 3 -37.57 -24.30 8.62
CA GLU J 3 -36.37 -24.70 9.41
C GLU J 3 -35.20 -25.06 8.47
N ASP J 4 -35.56 -25.42 7.22
CA ASP J 4 -34.60 -25.77 6.17
C ASP J 4 -33.80 -24.48 5.90
N LEU J 5 -34.52 -23.39 5.59
CA LEU J 5 -33.89 -22.11 5.34
C LEU J 5 -33.05 -21.66 6.52
N CYS J 6 -33.50 -22.01 7.74
CA CYS J 6 -32.81 -21.68 9.01
C CYS J 6 -31.44 -22.35 9.06
N ALA J 7 -31.44 -23.65 8.80
CA ALA J 7 -30.23 -24.46 8.81
C ALA J 7 -29.25 -23.94 7.75
N ALA J 8 -29.79 -23.54 6.60
CA ALA J 8 -28.94 -23.02 5.53
C ALA J 8 -28.34 -21.66 5.90
N PHE J 9 -29.15 -20.78 6.51
CA PHE J 9 -28.69 -19.44 6.92
C PHE J 9 -27.53 -19.53 7.91
N ASN J 10 -27.61 -20.53 8.77
CA ASN J 10 -26.58 -20.78 9.77
C ASN J 10 -25.24 -21.18 9.17
N VAL J 11 -25.27 -21.98 8.10
CA VAL J 11 -24.05 -22.41 7.43
C VAL J 11 -23.50 -21.21 6.66
N ILE J 12 -24.41 -20.46 6.01
CA ILE J 12 -23.95 -19.32 5.24
C ILE J 12 -23.42 -18.19 6.13
N CYS J 13 -24.24 -17.79 7.09
CA CYS J 13 -23.86 -16.74 8.00
C CYS J 13 -22.49 -17.04 8.61
N ASP J 14 -22.27 -18.24 9.14
CA ASP J 14 -20.96 -18.52 9.72
C ASP J 14 -19.91 -18.92 8.70
N ASN J 15 -20.06 -18.53 7.44
CA ASN J 15 -19.05 -18.98 6.51
C ASN J 15 -18.67 -18.05 5.39
N VAL J 16 -19.52 -17.08 5.09
CA VAL J 16 -19.23 -16.14 4.01
C VAL J 16 -18.16 -15.15 4.36
N GLY J 17 -18.58 -14.12 5.07
CA GLY J 17 -17.68 -13.07 5.46
C GLY J 17 -17.37 -12.14 4.30
N LYS J 18 -16.08 -11.85 4.14
CA LYS J 18 -15.59 -10.97 3.09
C LYS J 18 -16.62 -10.62 2.04
N ASP J 19 -16.74 -11.40 0.98
CA ASP J 19 -17.70 -11.03 -0.06
C ASP J 19 -19.17 -11.24 0.19
N TRP J 20 -19.60 -10.84 1.38
CA TRP J 20 -21.03 -10.91 1.70
C TRP J 20 -21.80 -10.03 0.70
N ARG J 21 -21.44 -8.74 0.62
CA ARG J 21 -22.11 -7.83 -0.30
C ARG J 21 -22.28 -8.36 -1.72
N ARG J 22 -21.29 -9.11 -2.21
CA ARG J 22 -21.38 -9.71 -3.54
C ARG J 22 -22.62 -10.58 -3.54
N LEU J 23 -22.72 -11.34 -2.47
CA LEU J 23 -23.81 -12.29 -2.27
C LEU J 23 -25.15 -11.56 -2.22
N ALA J 24 -25.19 -10.47 -1.44
CA ALA J 24 -26.37 -9.63 -1.27
C ALA J 24 -26.92 -9.26 -2.64
N ARG J 25 -26.07 -8.69 -3.48
CA ARG J 25 -26.48 -8.30 -4.81
C ARG J 25 -27.07 -9.43 -5.63
N GLN J 26 -26.47 -10.62 -5.55
CA GLN J 26 -26.96 -11.80 -6.27
C GLN J 26 -28.37 -12.20 -5.86
N LEU J 27 -28.68 -11.96 -4.61
CA LEU J 27 -29.99 -12.28 -4.05
C LEU J 27 -30.95 -11.15 -4.39
N LYS J 28 -30.54 -10.37 -5.38
CA LYS J 28 -31.30 -9.23 -5.86
C LYS J 28 -31.68 -8.32 -4.72
N VAL J 29 -30.70 -8.00 -3.86
CA VAL J 29 -30.97 -7.11 -2.74
C VAL J 29 -30.47 -5.71 -3.05
N SER J 30 -31.41 -4.78 -3.20
CA SER J 30 -31.07 -3.40 -3.51
C SER J 30 -29.96 -2.92 -2.59
N ASP J 31 -29.09 -2.05 -3.10
CA ASP J 31 -28.00 -1.51 -2.30
C ASP J 31 -28.60 -0.51 -1.34
N THR J 32 -29.79 0.00 -1.71
CA THR J 32 -30.49 0.96 -0.86
C THR J 32 -30.63 0.30 0.50
N LYS J 33 -30.79 -1.02 0.46
CA LYS J 33 -30.87 -1.78 1.68
C LYS J 33 -29.43 -2.12 2.11
N ILE J 34 -28.65 -2.71 1.21
CA ILE J 34 -27.30 -3.13 1.57
C ILE J 34 -26.57 -2.00 2.30
N ASP J 35 -26.87 -0.79 1.91
CA ASP J 35 -26.25 0.31 2.56
C ASP J 35 -26.60 0.26 4.04
N SER J 36 -27.90 0.31 4.29
CA SER J 36 -28.48 0.26 5.63
C SER J 36 -27.87 -0.85 6.46
N ILE J 37 -27.74 -2.02 5.87
CA ILE J 37 -27.28 -3.18 6.63
C ILE J 37 -25.86 -2.97 7.14
N GLU J 38 -25.06 -2.30 6.34
CA GLU J 38 -23.69 -2.01 6.71
C GLU J 38 -23.82 -1.13 7.93
N ASP J 39 -24.76 -0.20 7.80
CA ASP J 39 -25.05 0.71 8.85
C ASP J 39 -25.43 0.09 10.19
N ARG J 40 -26.61 -0.55 10.26
CA ARG J 40 -27.14 -1.19 11.46
C ARG J 40 -26.15 -2.11 12.22
N TYR J 41 -25.46 -3.02 11.53
CA TYR J 41 -24.51 -3.89 12.22
C TYR J 41 -23.05 -3.69 11.84
N PRO J 42 -22.52 -2.48 12.10
CA PRO J 42 -21.12 -2.22 11.77
C PRO J 42 -20.24 -3.21 12.51
N ARG J 43 -20.72 -3.70 13.64
CA ARG J 43 -19.95 -4.64 14.44
C ARG J 43 -19.67 -6.02 13.86
N ASN J 44 -20.69 -6.87 13.78
CA ASN J 44 -20.49 -8.23 13.28
C ASN J 44 -20.83 -8.55 11.86
N LEU J 45 -19.82 -9.14 11.22
CA LEU J 45 -19.97 -9.45 9.81
C LEU J 45 -21.01 -10.54 9.63
N THR J 46 -21.11 -11.38 10.64
CA THR J 46 -22.06 -12.48 10.67
C THR J 46 -23.51 -12.07 10.70
N GLU J 47 -23.80 -11.00 11.40
CA GLU J 47 -25.16 -10.50 11.54
C GLU J 47 -25.61 -9.92 10.23
N ARG J 48 -24.81 -8.97 9.75
CA ARG J 48 -25.07 -8.29 8.47
C ARG J 48 -25.53 -9.31 7.43
N VAL J 49 -24.72 -10.33 7.20
CA VAL J 49 -25.04 -11.38 6.23
C VAL J 49 -26.43 -11.95 6.43
N ARG J 50 -26.60 -12.55 7.60
CA ARG J 50 -27.87 -13.12 7.94
C ARG J 50 -28.91 -12.13 7.55
N GLU J 51 -28.93 -10.99 8.21
CA GLU J 51 -29.89 -9.97 7.87
C GLU J 51 -30.10 -9.96 6.36
N SER J 52 -29.02 -9.76 5.62
CA SER J 52 -29.09 -9.77 4.15
C SER J 52 -30.08 -10.85 3.65
N LEU J 53 -29.90 -12.09 4.10
CA LEU J 53 -30.66 -13.28 3.74
C LEU J 53 -32.12 -13.10 4.14
N ARG J 54 -32.30 -12.56 5.34
CA ARG J 54 -33.62 -12.34 5.85
C ARG J 54 -34.43 -11.53 4.86
N ILE J 55 -33.88 -10.39 4.45
CA ILE J 55 -34.59 -9.49 3.55
C ILE J 55 -35.00 -10.28 2.31
N TRP J 56 -34.09 -11.15 1.92
CA TRP J 56 -34.31 -11.99 0.79
C TRP J 56 -35.48 -12.92 1.03
N LYS J 57 -35.61 -13.47 2.24
CA LYS J 57 -36.74 -14.37 2.50
C LYS J 57 -38.08 -13.64 2.53
N ASN J 58 -38.06 -12.35 2.89
CA ASN J 58 -39.27 -11.51 2.95
C ASN J 58 -39.71 -10.95 1.58
N THR J 59 -38.77 -10.98 0.63
CA THR J 59 -38.97 -10.50 -0.74
C THR J 59 -39.78 -11.51 -1.55
N GLU J 60 -39.57 -12.80 -1.22
CA GLU J 60 -40.27 -13.92 -1.84
C GLU J 60 -40.73 -14.90 -0.74
N LYS J 61 -41.93 -14.67 -0.18
CA LYS J 61 -42.48 -15.53 0.87
C LYS J 61 -42.47 -16.99 0.41
N GLU J 62 -43.08 -17.22 -0.78
CA GLU J 62 -43.21 -18.55 -1.40
C GLU J 62 -42.03 -19.09 -2.23
N ASN J 63 -41.25 -18.25 -2.90
CA ASN J 63 -40.17 -18.80 -3.72
C ASN J 63 -38.78 -18.81 -3.09
N ALA J 64 -38.77 -18.59 -1.78
CA ALA J 64 -37.57 -18.59 -0.98
C ALA J 64 -37.15 -20.05 -0.81
N THR J 65 -36.47 -20.58 -1.82
CA THR J 65 -36.01 -21.97 -1.81
C THR J 65 -34.51 -22.05 -1.73
N VAL J 66 -34.02 -23.01 -0.95
CA VAL J 66 -32.60 -23.24 -0.79
C VAL J 66 -31.95 -23.35 -2.18
N ALA J 67 -32.71 -23.89 -3.13
CA ALA J 67 -32.26 -24.06 -4.52
C ALA J 67 -31.59 -22.78 -4.92
N HIS J 68 -32.40 -21.74 -4.96
CA HIS J 68 -31.93 -20.42 -5.35
C HIS J 68 -30.78 -19.97 -4.49
N LEU J 69 -30.78 -20.29 -3.20
CA LEU J 69 -29.70 -19.84 -2.33
C LEU J 69 -28.40 -20.42 -2.85
N VAL J 70 -28.40 -21.71 -3.11
CA VAL J 70 -27.20 -22.35 -3.60
C VAL J 70 -26.89 -21.71 -4.94
N GLY J 71 -27.93 -21.44 -5.72
CA GLY J 71 -27.73 -20.80 -7.00
C GLY J 71 -27.06 -19.45 -6.85
N ALA J 72 -27.44 -18.71 -5.80
CA ALA J 72 -26.85 -17.40 -5.54
C ALA J 72 -25.36 -17.52 -5.18
N LEU J 73 -25.05 -18.48 -4.33
CA LEU J 73 -23.71 -18.77 -3.84
C LEU J 73 -22.74 -19.13 -4.96
N ARG J 74 -23.18 -19.99 -5.88
CA ARG J 74 -22.33 -20.42 -6.98
C ARG J 74 -22.06 -19.44 -8.12
N SER J 75 -22.91 -18.43 -8.27
CA SER J 75 -22.71 -17.43 -9.33
C SER J 75 -21.62 -16.45 -8.89
N CYS J 76 -21.38 -16.43 -7.58
CA CYS J 76 -20.37 -15.60 -6.91
C CYS J 76 -19.09 -16.40 -6.60
N GLN J 77 -19.04 -17.68 -7.02
CA GLN J 77 -17.89 -18.59 -6.80
C GLN J 77 -17.76 -19.18 -5.37
N MET J 78 -18.76 -18.93 -4.52
CA MET J 78 -18.76 -19.41 -3.13
C MET J 78 -19.20 -20.84 -3.25
N ASN J 79 -18.47 -21.60 -4.06
CA ASN J 79 -18.80 -22.97 -4.26
C ASN J 79 -18.82 -23.76 -2.94
N LEU J 80 -17.69 -23.76 -2.23
CA LEU J 80 -17.53 -24.56 -1.02
C LEU J 80 -18.70 -24.40 -0.06
N VAL J 81 -19.28 -23.20 -0.01
CA VAL J 81 -20.46 -22.89 0.86
C VAL J 81 -21.79 -23.37 0.28
N ALA J 82 -21.97 -23.27 -1.04
CA ALA J 82 -23.19 -23.74 -1.67
C ALA J 82 -23.16 -25.26 -1.49
N ASP J 83 -21.96 -25.87 -1.66
CA ASP J 83 -21.72 -27.33 -1.47
C ASP J 83 -22.22 -27.77 -0.06
N LEU J 84 -21.59 -27.25 1.01
CA LEU J 84 -21.97 -27.53 2.37
C LEU J 84 -23.47 -27.32 2.62
N VAL J 85 -23.98 -26.21 2.08
CA VAL J 85 -25.40 -25.80 2.16
C VAL J 85 -26.24 -26.88 1.47
N GLN J 86 -25.67 -27.50 0.45
CA GLN J 86 -26.37 -28.55 -0.29
C GLN J 86 -26.34 -29.91 0.45
N GLU J 87 -25.23 -30.23 1.12
CA GLU J 87 -25.06 -31.50 1.86
C GLU J 87 -25.83 -31.51 3.20
N VAL J 88 -26.12 -30.32 3.75
CA VAL J 88 -26.86 -30.18 5.01
C VAL J 88 -28.35 -30.25 4.66
N GLN J 89 -28.68 -29.86 3.42
CA GLN J 89 -30.06 -29.88 2.89
C GLN J 89 -30.47 -31.28 2.44
N GLN J 90 -29.48 -32.10 2.08
CA GLN J 90 -29.69 -33.48 1.62
C GLN J 90 -29.80 -34.38 2.86
N ALA J 91 -29.00 -34.08 3.89
CA ALA J 91 -28.98 -34.87 5.12
C ALA J 91 -30.28 -34.71 5.92
N ARG J 92 -30.90 -33.53 5.80
CA ARG J 92 -32.15 -33.18 6.49
C ARG J 92 -33.38 -33.75 5.81
#